data_3RPP
#
_entry.id   3RPP
#
_cell.length_a   146.113
_cell.length_b   84.290
_cell.length_c   87.316
_cell.angle_alpha   90.000
_cell.angle_beta   122.120
_cell.angle_gamma   90.000
#
_symmetry.space_group_name_H-M   'C 1 2 1'
#
loop_
_entity.id
_entity.type
_entity.pdbx_description
1 polymer 'Glutathione S-transferase kappa 1'
2 water water
#
_entity_poly.entity_id   1
_entity_poly.type   'polypeptide(L)'
_entity_poly.pdbx_seq_one_letter_code
;MGPLPRTVELFYDVLSPYSWLGFEILCRYQNIWNINLQLRPSLITGIMKDSGNKPPGLLPRKGLYMANDLKLLRHHLQIP
IHFPKDFLSVMLEKGSLSAMRFLTAVNLEHPEMLEKASRELWMRVWSRNEDITEPQSILAAAEKAGMSAEQAQGLLEKIA
TPKVKNQLKETTEAACRYGAFGLPITVAHVDGQTHMLFGSDRMELLAHLLGEKWMGPIPPAVNARLLEHHHHHH
;
_entity_poly.pdbx_strand_id   A,B,C
#
# COMPACT_ATOMS: atom_id res chain seq x y z
N GLY A 2 -10.41 4.51 -13.81
CA GLY A 2 -9.85 5.17 -12.64
C GLY A 2 -9.59 4.20 -11.50
N PRO A 3 -9.04 4.71 -10.38
CA PRO A 3 -8.74 3.83 -9.25
C PRO A 3 -10.00 3.20 -8.70
N LEU A 4 -9.88 1.94 -8.30
CA LEU A 4 -11.02 1.17 -7.83
C LEU A 4 -11.62 1.78 -6.58
N PRO A 5 -12.96 1.71 -6.45
CA PRO A 5 -13.60 2.19 -5.23
C PRO A 5 -13.19 1.35 -4.02
N ARG A 6 -13.16 1.98 -2.86
CA ARG A 6 -12.86 1.29 -1.62
C ARG A 6 -14.13 0.64 -1.08
N THR A 7 -14.02 -0.61 -0.69
CA THR A 7 -15.16 -1.30 -0.09
C THR A 7 -15.36 -0.82 1.34
N VAL A 8 -16.58 -0.38 1.64
CA VAL A 8 -16.94 -0.05 3.00
C VAL A 8 -18.14 -0.92 3.37
N GLU A 9 -17.96 -1.78 4.37
CA GLU A 9 -19.03 -2.67 4.80
C GLU A 9 -19.74 -2.08 6.00
N LEU A 10 -21.07 -2.12 6.00
CA LEU A 10 -21.82 -1.70 7.18
C LEU A 10 -22.59 -2.90 7.72
N PHE A 11 -22.24 -3.34 8.93
CA PHE A 11 -22.99 -4.40 9.60
C PHE A 11 -24.03 -3.78 10.53
N TYR A 12 -25.28 -4.19 10.36
CA TYR A 12 -26.41 -3.54 11.03
C TYR A 12 -27.55 -4.50 11.34
N ASP A 13 -28.38 -4.10 12.30
CA ASP A 13 -29.57 -4.83 12.68
C ASP A 13 -30.62 -3.73 12.84
N VAL A 14 -31.83 -3.94 12.33
CA VAL A 14 -32.84 -2.88 12.40
C VAL A 14 -33.35 -2.62 13.82
N LEU A 15 -32.98 -3.49 14.76
CA LEU A 15 -33.32 -3.28 16.16
C LEU A 15 -32.47 -2.14 16.77
N SER A 16 -31.34 -1.85 16.14
CA SER A 16 -30.39 -0.85 16.62
C SER A 16 -30.67 0.57 16.11
N PRO A 17 -30.91 1.54 17.03
CA PRO A 17 -31.16 2.91 16.58
C PRO A 17 -29.92 3.54 15.95
N TYR A 18 -28.76 3.32 16.55
CA TYR A 18 -27.55 3.93 16.01
C TYR A 18 -27.15 3.32 14.67
N SER A 19 -27.56 2.08 14.42
CA SER A 19 -27.31 1.46 13.11
C SER A 19 -28.06 2.23 12.02
N TRP A 20 -29.29 2.66 12.31
CA TRP A 20 -30.03 3.46 11.34
C TRP A 20 -29.31 4.77 11.04
N LEU A 21 -28.83 5.44 12.08
CA LEU A 21 -28.16 6.72 11.91
C LEU A 21 -26.89 6.58 11.06
N GLY A 22 -26.06 5.58 11.36
CA GLY A 22 -24.84 5.38 10.58
C GLY A 22 -25.17 5.00 9.14
N PHE A 23 -26.19 4.15 8.99
CA PHE A 23 -26.69 3.74 7.69
C PHE A 23 -27.04 4.96 6.82
N GLU A 24 -27.82 5.89 7.36
CA GLU A 24 -28.25 7.02 6.53
C GLU A 24 -27.06 7.90 6.13
N ILE A 25 -26.12 8.12 7.05
CA ILE A 25 -24.94 8.92 6.71
C ILE A 25 -24.16 8.25 5.58
N LEU A 26 -23.93 6.95 5.70
CA LEU A 26 -23.24 6.23 4.63
C LEU A 26 -23.99 6.27 3.31
N CYS A 27 -25.30 6.06 3.35
CA CYS A 27 -26.07 6.10 2.09
C CYS A 27 -25.97 7.47 1.45
N ARG A 28 -25.88 8.52 2.27
CA ARG A 28 -25.78 9.87 1.75
C ARG A 28 -24.45 10.13 1.02
N TYR A 29 -23.40 9.39 1.39
CA TYR A 29 -22.10 9.59 0.78
C TYR A 29 -21.76 8.55 -0.27
N GLN A 30 -22.65 7.59 -0.49
CA GLN A 30 -22.29 6.45 -1.34
C GLN A 30 -22.02 6.81 -2.81
N ASN A 31 -22.59 7.91 -3.28
CA ASN A 31 -22.36 8.38 -4.66
C ASN A 31 -21.52 9.66 -4.70
N ILE A 32 -20.97 10.04 -3.56
CA ILE A 32 -20.08 11.20 -3.47
C ILE A 32 -18.64 10.73 -3.31
N TRP A 33 -18.40 9.89 -2.32
CA TRP A 33 -17.08 9.28 -2.14
C TRP A 33 -16.87 8.14 -3.13
N ASN A 34 -15.61 7.80 -3.39
CA ASN A 34 -15.29 6.67 -4.24
C ASN A 34 -15.33 5.37 -3.46
N ILE A 35 -16.53 4.93 -3.10
CA ILE A 35 -16.69 3.74 -2.31
C ILE A 35 -17.69 2.78 -2.92
N ASN A 36 -17.55 1.53 -2.51
CA ASN A 36 -18.50 0.48 -2.80
C ASN A 36 -19.13 0.16 -1.46
N LEU A 37 -20.27 0.80 -1.16
CA LEU A 37 -20.98 0.56 0.09
C LEU A 37 -21.64 -0.82 0.06
N GLN A 38 -21.22 -1.70 0.97
CA GLN A 38 -21.77 -3.04 1.05
C GLN A 38 -22.56 -3.20 2.34
N LEU A 39 -23.88 -3.28 2.22
CA LEU A 39 -24.74 -3.49 3.37
C LEU A 39 -24.70 -4.95 3.82
N ARG A 40 -24.52 -5.16 5.12
CA ARG A 40 -24.36 -6.50 5.69
C ARG A 40 -25.39 -6.73 6.79
N PRO A 41 -26.56 -7.24 6.43
CA PRO A 41 -27.60 -7.53 7.44
C PRO A 41 -27.07 -8.53 8.47
N SER A 42 -27.14 -8.16 9.75
CA SER A 42 -26.58 -8.97 10.82
C SER A 42 -27.55 -9.06 11.99
N LEU A 43 -27.23 -9.93 12.96
CA LEU A 43 -28.10 -10.15 14.13
C LEU A 43 -27.38 -9.82 15.42
N ILE A 44 -27.84 -8.80 16.14
CA ILE A 44 -27.20 -8.41 17.41
C ILE A 44 -27.12 -9.57 18.39
N THR A 45 -28.15 -10.41 18.44
CA THR A 45 -28.15 -11.54 19.38
C THR A 45 -27.00 -12.55 19.14
N GLY A 46 -26.43 -12.55 17.94
CA GLY A 46 -25.32 -13.44 17.66
C GLY A 46 -23.99 -12.86 18.12
N ILE A 47 -24.00 -11.58 18.44
CA ILE A 47 -22.79 -10.85 18.81
C ILE A 47 -22.72 -10.59 20.31
N MET A 48 -23.82 -10.08 20.86
CA MET A 48 -23.85 -9.60 22.24
C MET A 48 -23.49 -10.69 23.24
N LYS A 49 -22.29 -10.55 23.82
CA LYS A 49 -21.79 -11.53 24.77
C LYS A 49 -21.43 -10.83 26.08
N LYS A 54 -27.23 -6.01 35.03
CA LYS A 54 -27.86 -4.74 34.70
C LYS A 54 -27.86 -3.81 35.91
N PRO A 55 -27.92 -2.50 35.66
CA PRO A 55 -28.10 -1.53 36.75
C PRO A 55 -29.41 -1.77 37.49
N PRO A 56 -29.39 -1.71 38.83
CA PRO A 56 -30.58 -1.86 39.66
C PRO A 56 -31.42 -0.58 39.70
N GLY A 57 -30.87 0.53 39.22
CA GLY A 57 -31.56 1.81 39.30
C GLY A 57 -32.74 1.90 38.36
N LEU A 58 -33.80 2.60 38.78
CA LEU A 58 -35.02 2.64 38.00
C LEU A 58 -34.77 3.25 36.62
N LEU A 59 -33.98 4.30 36.58
CA LEU A 59 -33.73 5.07 35.36
C LEU A 59 -32.23 5.26 35.15
N PRO A 60 -31.57 4.23 34.60
CA PRO A 60 -30.11 4.23 34.47
C PRO A 60 -29.61 5.41 33.64
N ARG A 61 -28.44 5.91 34.00
CA ARG A 61 -27.84 7.07 33.35
C ARG A 61 -27.62 6.86 31.85
N LYS A 62 -27.21 5.67 31.46
CA LYS A 62 -26.97 5.44 30.04
C LYS A 62 -28.28 5.45 29.25
N GLY A 63 -29.36 5.00 29.87
CA GLY A 63 -30.66 5.04 29.24
C GLY A 63 -31.15 6.46 29.03
N LEU A 64 -30.94 7.31 30.03
CA LEU A 64 -31.26 8.73 29.92
C LEU A 64 -30.41 9.34 28.83
N TYR A 65 -29.12 9.04 28.85
CA TYR A 65 -28.24 9.57 27.82
C TYR A 65 -28.72 9.22 26.41
N MET A 66 -29.07 7.96 26.18
CA MET A 66 -29.53 7.57 24.85
C MET A 66 -30.80 8.33 24.45
N ALA A 67 -31.73 8.45 25.39
CA ALA A 67 -32.95 9.21 25.11
C ALA A 67 -32.61 10.64 24.68
N ASN A 68 -31.75 11.32 25.43
CA ASN A 68 -31.37 12.69 25.10
C ASN A 68 -30.59 12.77 23.79
N ASP A 69 -29.69 11.81 23.57
CA ASP A 69 -28.84 11.78 22.39
C ASP A 69 -29.67 11.62 21.10
N LEU A 70 -30.61 10.69 21.10
CA LEU A 70 -31.43 10.47 19.90
C LEU A 70 -32.29 11.68 19.59
N LYS A 71 -32.69 12.41 20.63
CA LYS A 71 -33.43 13.65 20.42
C LYS A 71 -32.58 14.68 19.66
N LEU A 72 -31.33 14.86 20.09
CA LEU A 72 -30.43 15.77 19.40
C LEU A 72 -30.10 15.27 17.99
N LEU A 73 -29.87 13.98 17.87
CA LEU A 73 -29.42 13.43 16.58
C LEU A 73 -30.54 13.44 15.53
N ARG A 74 -31.78 13.30 15.99
CA ARG A 74 -32.90 13.46 15.08
C ARG A 74 -32.77 14.78 14.31
N HIS A 75 -32.49 15.86 15.03
CA HIS A 75 -32.35 17.17 14.40
C HIS A 75 -31.03 17.33 13.66
N HIS A 76 -29.95 16.86 14.25
CA HIS A 76 -28.62 17.03 13.65
C HIS A 76 -28.49 16.28 12.32
N LEU A 77 -29.05 15.08 12.27
CA LEU A 77 -28.93 14.22 11.10
C LEU A 77 -30.16 14.33 10.18
N GLN A 78 -31.21 14.99 10.67
CA GLN A 78 -32.50 15.04 9.96
C GLN A 78 -32.99 13.63 9.60
N ILE A 79 -33.16 12.81 10.64
CA ILE A 79 -33.68 11.46 10.50
C ILE A 79 -34.83 11.35 11.50
N PRO A 80 -36.00 10.86 11.05
CA PRO A 80 -37.17 10.90 11.93
C PRO A 80 -37.17 9.74 12.93
N ILE A 81 -36.15 9.69 13.77
CA ILE A 81 -36.06 8.65 14.78
C ILE A 81 -36.79 9.09 16.05
N HIS A 82 -37.57 8.17 16.61
CA HIS A 82 -38.40 8.44 17.77
C HIS A 82 -38.32 7.25 18.72
N PHE A 83 -38.00 7.54 19.98
CA PHE A 83 -37.99 6.54 21.02
C PHE A 83 -39.37 5.92 21.11
N PRO A 84 -39.45 4.59 21.24
CA PRO A 84 -40.73 3.88 21.28
C PRO A 84 -41.60 4.33 22.44
N LYS A 85 -42.91 4.29 22.25
CA LYS A 85 -43.84 4.66 23.31
C LYS A 85 -43.84 3.64 24.45
N ASP A 86 -43.68 2.36 24.11
CA ASP A 86 -43.59 1.34 25.14
C ASP A 86 -42.15 1.00 25.50
N PHE A 87 -42.00 0.13 26.49
CA PHE A 87 -40.70 -0.24 27.00
C PHE A 87 -39.79 -0.72 25.89
N LEU A 88 -38.57 -0.22 25.87
CA LEU A 88 -37.56 -0.73 24.94
C LEU A 88 -37.38 -2.24 25.10
N SER A 89 -37.43 -2.69 26.35
CA SER A 89 -37.26 -4.11 26.66
C SER A 89 -38.21 -4.96 25.84
N VAL A 90 -39.37 -4.42 25.51
CA VAL A 90 -40.39 -5.17 24.78
C VAL A 90 -40.03 -5.35 23.30
N MET A 91 -39.64 -4.27 22.64
CA MET A 91 -39.16 -4.35 21.27
C MET A 91 -38.00 -5.33 21.21
N LEU A 92 -37.09 -5.22 22.16
CA LEU A 92 -35.89 -6.03 22.14
C LEU A 92 -36.18 -7.51 22.39
N GLU A 93 -37.12 -7.80 23.30
CA GLU A 93 -37.52 -9.18 23.57
C GLU A 93 -38.17 -9.83 22.35
N LYS A 94 -38.99 -9.06 21.63
CA LYS A 94 -39.62 -9.58 20.43
C LYS A 94 -38.55 -9.91 19.38
N GLY A 95 -37.51 -9.07 19.32
CA GLY A 95 -36.38 -9.34 18.44
C GLY A 95 -36.60 -8.92 17.00
N SER A 96 -35.64 -9.24 16.13
CA SER A 96 -35.67 -8.83 14.74
C SER A 96 -35.34 -10.00 13.80
N LEU A 97 -35.50 -11.22 14.30
CA LEU A 97 -35.03 -12.39 13.55
C LEU A 97 -35.65 -12.50 12.15
N SER A 98 -36.97 -12.44 12.08
CA SER A 98 -37.64 -12.55 10.78
C SER A 98 -37.26 -11.38 9.87
N ALA A 99 -37.24 -10.18 10.43
CA ALA A 99 -36.86 -9.00 9.68
C ALA A 99 -35.44 -9.11 9.10
N MET A 100 -34.50 -9.56 9.91
CA MET A 100 -33.11 -9.66 9.45
C MET A 100 -32.92 -10.82 8.47
N ARG A 101 -33.69 -11.88 8.67
CA ARG A 101 -33.70 -12.96 7.69
C ARG A 101 -34.31 -12.49 6.38
N PHE A 102 -35.39 -11.71 6.45
CA PHE A 102 -35.97 -11.13 5.24
C PHE A 102 -34.97 -10.27 4.49
N LEU A 103 -34.26 -9.40 5.22
CA LEU A 103 -33.28 -8.54 4.58
C LEU A 103 -32.13 -9.36 3.99
N THR A 104 -31.83 -10.49 4.62
CA THR A 104 -30.81 -11.38 4.10
C THR A 104 -31.30 -11.96 2.76
N ALA A 105 -32.56 -12.36 2.73
CA ALA A 105 -33.18 -12.88 1.51
C ALA A 105 -33.16 -11.83 0.40
N VAL A 106 -33.47 -10.58 0.75
CA VAL A 106 -33.41 -9.48 -0.20
C VAL A 106 -32.00 -9.29 -0.74
N ASN A 107 -31.01 -9.38 0.15
CA ASN A 107 -29.62 -9.21 -0.26
C ASN A 107 -29.22 -10.27 -1.27
N LEU A 108 -29.71 -11.50 -1.07
CA LEU A 108 -29.36 -12.62 -1.92
C LEU A 108 -30.05 -12.55 -3.29
N GLU A 109 -31.29 -12.08 -3.32
CA GLU A 109 -32.12 -12.13 -4.52
C GLU A 109 -32.25 -10.80 -5.26
N HIS A 110 -32.45 -9.73 -4.51
CA HIS A 110 -32.67 -8.40 -5.08
C HIS A 110 -31.89 -7.33 -4.32
N PRO A 111 -30.55 -7.37 -4.42
CA PRO A 111 -29.70 -6.50 -3.61
C PRO A 111 -30.03 -5.03 -3.85
N GLU A 112 -30.50 -4.69 -5.05
CA GLU A 112 -30.79 -3.30 -5.36
C GLU A 112 -31.95 -2.75 -4.52
N MET A 113 -32.68 -3.64 -3.86
CA MET A 113 -33.79 -3.23 -3.00
C MET A 113 -33.41 -3.19 -1.53
N LEU A 114 -32.19 -3.62 -1.21
CA LEU A 114 -31.79 -3.77 0.19
C LEU A 114 -31.83 -2.45 0.97
N GLU A 115 -31.33 -1.38 0.35
CA GLU A 115 -31.30 -0.10 1.04
C GLU A 115 -32.70 0.36 1.45
N LYS A 116 -33.63 0.38 0.51
CA LYS A 116 -34.97 0.84 0.84
C LYS A 116 -35.71 -0.11 1.78
N ALA A 117 -35.53 -1.41 1.59
CA ALA A 117 -36.16 -2.39 2.48
C ALA A 117 -35.69 -2.19 3.93
N SER A 118 -34.39 -1.99 4.09
CA SER A 118 -33.84 -1.76 5.42
C SER A 118 -34.42 -0.48 6.02
N ARG A 119 -34.41 0.61 5.23
CA ARG A 119 -34.96 1.87 5.71
C ARG A 119 -36.41 1.71 6.15
N GLU A 120 -37.21 1.00 5.37
CA GLU A 120 -38.62 0.88 5.73
C GLU A 120 -38.83 0.10 7.02
N LEU A 121 -37.96 -0.87 7.29
CA LEU A 121 -38.09 -1.61 8.55
C LEU A 121 -37.71 -0.73 9.75
N TRP A 122 -36.65 0.08 9.61
CA TRP A 122 -36.31 1.06 10.64
C TRP A 122 -37.46 2.06 10.83
N MET A 123 -38.08 2.49 9.74
CA MET A 123 -39.23 3.40 9.83
C MET A 123 -40.35 2.81 10.70
N ARG A 124 -40.57 1.50 10.60
CA ARG A 124 -41.54 0.86 11.47
C ARG A 124 -41.11 0.84 12.93
N VAL A 125 -39.96 0.25 13.21
CA VAL A 125 -39.58 0.02 14.61
C VAL A 125 -39.09 1.29 15.30
N TRP A 126 -38.35 2.13 14.58
CA TRP A 126 -37.68 3.27 15.20
C TRP A 126 -38.21 4.64 14.80
N SER A 127 -39.30 4.68 14.03
CA SER A 127 -39.97 5.94 13.76
C SER A 127 -41.44 5.91 14.20
N ARG A 128 -42.16 4.87 13.79
CA ARG A 128 -43.62 4.83 14.03
C ARG A 128 -44.02 3.87 15.15
N ASN A 129 -43.03 3.26 15.79
CA ASN A 129 -43.29 2.28 16.84
C ASN A 129 -44.25 1.19 16.38
N GLU A 130 -43.99 0.65 15.19
CA GLU A 130 -44.79 -0.45 14.63
C GLU A 130 -44.04 -1.77 14.75
N ASP A 131 -44.79 -2.85 14.85
CA ASP A 131 -44.22 -4.20 14.92
C ASP A 131 -43.39 -4.55 13.69
N ILE A 132 -42.35 -5.37 13.88
CA ILE A 132 -41.56 -5.89 12.76
C ILE A 132 -41.37 -7.41 12.82
N THR A 133 -42.16 -8.08 13.66
CA THR A 133 -42.05 -9.54 13.81
C THR A 133 -43.12 -10.34 13.05
N GLU A 134 -44.27 -9.72 12.81
CA GLU A 134 -45.36 -10.40 12.10
C GLU A 134 -45.15 -10.37 10.58
N PRO A 135 -45.56 -11.44 9.90
CA PRO A 135 -45.42 -11.49 8.44
C PRO A 135 -46.04 -10.26 7.76
N GLN A 136 -47.25 -9.89 8.17
CA GLN A 136 -47.91 -8.74 7.56
C GLN A 136 -47.10 -7.46 7.74
N SER A 137 -46.39 -7.38 8.86
CA SER A 137 -45.54 -6.22 9.14
C SER A 137 -44.39 -6.13 8.15
N ILE A 138 -43.69 -7.25 7.96
CA ILE A 138 -42.58 -7.32 7.02
C ILE A 138 -43.06 -6.97 5.61
N LEU A 139 -44.18 -7.58 5.20
CA LEU A 139 -44.72 -7.34 3.86
C LEU A 139 -45.07 -5.87 3.65
N ALA A 140 -45.62 -5.24 4.69
CA ALA A 140 -45.99 -3.83 4.59
C ALA A 140 -44.76 -2.98 4.33
N ALA A 141 -43.67 -3.26 5.03
CA ALA A 141 -42.43 -2.52 4.81
C ALA A 141 -41.88 -2.78 3.42
N ALA A 142 -41.93 -4.04 2.99
CA ALA A 142 -41.40 -4.41 1.67
C ALA A 142 -42.15 -3.70 0.55
N GLU A 143 -43.47 -3.63 0.66
CA GLU A 143 -44.27 -2.96 -0.36
C GLU A 143 -44.05 -1.45 -0.33
N LYS A 144 -43.81 -0.89 0.85
CA LYS A 144 -43.48 0.52 0.91
C LYS A 144 -42.14 0.80 0.24
N ALA A 145 -41.23 -0.17 0.29
CA ALA A 145 -39.93 -0.03 -0.35
C ALA A 145 -40.02 -0.07 -1.88
N GLY A 146 -41.18 -0.48 -2.39
CA GLY A 146 -41.38 -0.53 -3.83
C GLY A 146 -41.40 -1.93 -4.41
N MET A 147 -41.34 -2.94 -3.55
CA MET A 147 -41.46 -4.32 -4.01
C MET A 147 -42.89 -4.67 -4.38
N SER A 148 -43.07 -5.50 -5.39
CA SER A 148 -44.38 -6.02 -5.72
C SER A 148 -44.84 -6.98 -4.63
N ALA A 149 -46.14 -7.13 -4.48
CA ALA A 149 -46.69 -8.04 -3.48
C ALA A 149 -46.17 -9.47 -3.66
N GLU A 150 -46.06 -9.92 -4.90
CA GLU A 150 -45.58 -11.27 -5.17
C GLU A 150 -44.10 -11.39 -4.84
N GLN A 151 -43.34 -10.38 -5.22
CA GLN A 151 -41.91 -10.33 -4.95
C GLN A 151 -41.67 -10.40 -3.44
N ALA A 152 -42.41 -9.58 -2.70
CA ALA A 152 -42.28 -9.52 -1.25
C ALA A 152 -42.71 -10.85 -0.64
N GLN A 153 -43.81 -11.40 -1.11
CA GLN A 153 -44.31 -12.66 -0.59
C GLN A 153 -43.34 -13.81 -0.87
N GLY A 154 -42.72 -13.77 -2.04
CA GLY A 154 -41.74 -14.78 -2.43
C GLY A 154 -40.55 -14.76 -1.51
N LEU A 155 -40.09 -13.56 -1.16
CA LEU A 155 -38.96 -13.42 -0.25
C LEU A 155 -39.35 -13.85 1.15
N LEU A 156 -40.55 -13.45 1.59
CA LEU A 156 -41.02 -13.83 2.91
C LEU A 156 -40.95 -15.35 3.09
N GLU A 157 -41.30 -16.09 2.04
CA GLU A 157 -41.35 -17.55 2.13
C GLU A 157 -39.97 -18.19 2.26
N LYS A 158 -38.92 -17.39 2.10
CA LYS A 158 -37.56 -17.93 2.16
C LYS A 158 -36.87 -17.64 3.49
N ILE A 159 -37.56 -16.92 4.38
CA ILE A 159 -36.99 -16.52 5.66
C ILE A 159 -36.45 -17.70 6.46
N ALA A 160 -37.12 -18.84 6.35
CA ALA A 160 -36.75 -19.98 7.18
C ALA A 160 -35.94 -21.04 6.44
N THR A 161 -35.50 -20.73 5.22
CA THR A 161 -34.69 -21.65 4.45
C THR A 161 -33.25 -21.71 4.95
N PRO A 162 -32.65 -22.91 4.90
CA PRO A 162 -31.26 -23.09 5.31
C PRO A 162 -30.32 -22.05 4.68
N LYS A 163 -30.54 -21.73 3.42
CA LYS A 163 -29.65 -20.82 2.71
C LYS A 163 -29.67 -19.43 3.36
N VAL A 164 -30.87 -18.95 3.66
CA VAL A 164 -31.03 -17.62 4.26
C VAL A 164 -30.56 -17.64 5.71
N LYS A 165 -30.94 -18.67 6.45
CA LYS A 165 -30.51 -18.77 7.84
C LYS A 165 -28.99 -18.81 7.96
N ASN A 166 -28.35 -19.58 7.08
CA ASN A 166 -26.90 -19.71 7.10
C ASN A 166 -26.19 -18.43 6.68
N GLN A 167 -26.76 -17.71 5.73
CA GLN A 167 -26.16 -16.45 5.28
C GLN A 167 -26.16 -15.42 6.40
N LEU A 168 -27.27 -15.33 7.13
CA LEU A 168 -27.36 -14.38 8.24
C LEU A 168 -26.35 -14.72 9.33
N LYS A 169 -26.21 -16.02 9.64
CA LYS A 169 -25.22 -16.46 10.61
C LYS A 169 -23.82 -16.11 10.14
N GLU A 170 -23.55 -16.35 8.86
CA GLU A 170 -22.21 -16.11 8.33
C GLU A 170 -21.87 -14.63 8.33
N THR A 171 -22.86 -13.80 8.02
CA THR A 171 -22.64 -12.37 8.02
C THR A 171 -22.39 -11.89 9.43
N THR A 172 -23.20 -12.37 10.37
CA THR A 172 -23.02 -12.00 11.77
C THR A 172 -21.66 -12.48 12.25
N GLU A 173 -21.26 -13.68 11.84
CA GLU A 173 -19.93 -14.19 12.21
C GLU A 173 -18.81 -13.29 11.67
N ALA A 174 -18.99 -12.77 10.46
CA ALA A 174 -17.99 -11.87 9.90
C ALA A 174 -17.85 -10.63 10.76
N ALA A 175 -18.97 -10.13 11.28
CA ALA A 175 -18.91 -8.98 12.17
C ALA A 175 -18.09 -9.32 13.40
N CYS A 176 -18.35 -10.49 13.97
CA CYS A 176 -17.60 -10.94 15.14
C CYS A 176 -16.12 -11.01 14.83
N ARG A 177 -15.78 -11.56 13.67
CA ARG A 177 -14.37 -11.69 13.30
C ARG A 177 -13.69 -10.34 13.08
N TYR A 178 -14.48 -9.32 12.77
CA TYR A 178 -13.97 -7.96 12.68
C TYR A 178 -13.88 -7.28 14.05
N GLY A 179 -14.23 -7.99 15.11
CA GLY A 179 -14.11 -7.45 16.46
C GLY A 179 -15.37 -6.81 17.04
N ALA A 180 -16.50 -7.01 16.38
CA ALA A 180 -17.76 -6.41 16.83
C ALA A 180 -18.11 -6.84 18.26
N PHE A 181 -18.47 -5.87 19.10
CA PHE A 181 -19.03 -6.14 20.42
C PHE A 181 -20.46 -5.57 20.48
N GLY A 182 -20.89 -5.02 19.35
CA GLY A 182 -22.21 -4.41 19.23
C GLY A 182 -22.31 -3.80 17.83
N LEU A 183 -23.50 -3.35 17.46
CA LEU A 183 -23.69 -2.74 16.13
C LEU A 183 -24.12 -1.29 16.26
N PRO A 184 -23.88 -0.48 15.20
CA PRO A 184 -23.29 -0.84 13.92
C PRO A 184 -21.78 -0.94 13.99
N ILE A 185 -21.19 -1.71 13.09
CA ILE A 185 -19.77 -1.53 12.78
C ILE A 185 -19.62 -1.22 11.29
N THR A 186 -18.65 -0.35 11.00
CA THR A 186 -18.34 0.02 9.61
C THR A 186 -16.92 -0.44 9.36
N VAL A 187 -16.71 -1.21 8.30
CA VAL A 187 -15.38 -1.75 8.02
C VAL A 187 -14.88 -1.20 6.70
N ALA A 188 -13.81 -0.43 6.74
CA ALA A 188 -13.22 0.14 5.53
C ALA A 188 -11.96 -0.61 5.14
N HIS A 189 -11.88 -1.00 3.87
CA HIS A 189 -10.69 -1.63 3.31
C HIS A 189 -10.02 -0.60 2.42
N VAL A 190 -8.92 -0.03 2.90
CA VAL A 190 -8.30 1.09 2.21
C VAL A 190 -6.81 1.16 2.50
N ASP A 191 -6.03 1.51 1.48
CA ASP A 191 -4.59 1.73 1.65
C ASP A 191 -3.92 0.50 2.27
N GLY A 192 -4.43 -0.67 1.92
CA GLY A 192 -3.83 -1.93 2.33
C GLY A 192 -4.10 -2.34 3.76
N GLN A 193 -5.05 -1.69 4.42
CA GLN A 193 -5.40 -2.06 5.78
C GLN A 193 -6.90 -2.20 5.92
N THR A 194 -7.32 -2.83 7.00
CA THR A 194 -8.74 -2.97 7.31
C THR A 194 -9.01 -2.28 8.65
N HIS A 195 -10.00 -1.40 8.67
CA HIS A 195 -10.30 -0.63 9.88
C HIS A 195 -11.76 -0.81 10.27
N MET A 196 -12.01 -1.19 11.51
CA MET A 196 -13.38 -1.33 12.00
C MET A 196 -13.70 -0.14 12.89
N LEU A 197 -14.82 0.53 12.60
CA LEU A 197 -15.31 1.66 13.39
C LEU A 197 -16.67 1.34 13.99
N PHE A 198 -16.83 1.58 15.29
CA PHE A 198 -18.09 1.27 15.96
C PHE A 198 -18.95 2.52 16.11
N GLY A 199 -20.24 2.36 15.86
CA GLY A 199 -21.18 3.43 16.10
C GLY A 199 -21.44 4.34 14.91
N SER A 200 -22.20 5.40 15.14
CA SER A 200 -22.60 6.29 14.05
C SER A 200 -21.85 7.63 14.07
N ASP A 201 -20.93 7.79 15.00
CA ASP A 201 -20.30 9.10 15.21
C ASP A 201 -18.84 9.17 14.76
N ARG A 202 -18.43 8.21 13.94
CA ARG A 202 -17.04 8.14 13.48
C ARG A 202 -16.91 8.32 11.97
N MET A 203 -17.95 8.88 11.34
CA MET A 203 -17.92 9.00 9.88
C MET A 203 -16.92 10.06 9.37
N GLU A 204 -16.59 11.05 10.20
CA GLU A 204 -15.53 11.99 9.81
C GLU A 204 -14.17 11.29 9.83
N LEU A 205 -13.95 10.42 10.80
CA LEU A 205 -12.73 9.63 10.83
C LEU A 205 -12.68 8.71 9.61
N LEU A 206 -13.81 8.12 9.27
CA LEU A 206 -13.90 7.29 8.06
C LEU A 206 -13.47 8.11 6.84
N ALA A 207 -13.99 9.32 6.74
CA ALA A 207 -13.62 10.19 5.63
C ALA A 207 -12.10 10.35 5.55
N HIS A 208 -11.48 10.61 6.68
CA HIS A 208 -10.04 10.79 6.73
C HIS A 208 -9.31 9.51 6.31
N LEU A 209 -9.74 8.36 6.83
CA LEU A 209 -9.15 7.09 6.37
C LEU A 209 -9.21 6.94 4.85
N LEU A 210 -10.33 7.34 4.26
CA LEU A 210 -10.54 7.23 2.82
C LEU A 210 -9.91 8.36 2.01
N GLY A 211 -9.40 9.38 2.67
CA GLY A 211 -8.86 10.54 1.97
C GLY A 211 -9.96 11.29 1.24
N GLU A 212 -11.18 11.22 1.78
CA GLU A 212 -12.34 11.90 1.19
C GLU A 212 -12.74 13.10 2.03
N LYS A 213 -13.51 14.01 1.42
CA LYS A 213 -13.89 15.23 2.11
C LYS A 213 -15.14 15.03 2.95
N TRP A 214 -15.04 15.40 4.22
CA TRP A 214 -16.19 15.34 5.13
C TRP A 214 -16.94 16.65 5.04
N MET A 215 -18.24 16.55 4.74
CA MET A 215 -19.08 17.72 4.61
C MET A 215 -20.25 17.67 5.61
N GLY A 216 -20.03 16.96 6.71
CA GLY A 216 -21.05 16.82 7.73
C GLY A 216 -22.01 15.69 7.42
N PRO A 217 -22.98 15.46 8.32
CA PRO A 217 -23.89 14.32 8.18
C PRO A 217 -24.92 14.52 7.07
N ILE A 218 -25.04 15.73 6.56
CA ILE A 218 -25.96 16.00 5.46
C ILE A 218 -25.25 16.69 4.32
N PRO A 219 -24.44 15.93 3.55
CA PRO A 219 -23.68 16.53 2.45
C PRO A 219 -24.59 17.15 1.39
N PRO A 220 -24.12 18.21 0.74
CA PRO A 220 -24.87 18.89 -0.32
C PRO A 220 -24.95 18.05 -1.59
N ALA A 221 -25.83 18.45 -2.52
CA ALA A 221 -26.05 17.74 -3.76
C ALA A 221 -24.75 17.38 -4.49
N GLY B 2 7.67 -33.83 0.50
CA GLY B 2 8.42 -32.86 1.29
C GLY B 2 7.61 -31.62 1.62
N PRO B 3 8.26 -30.60 2.21
CA PRO B 3 7.53 -29.40 2.63
C PRO B 3 6.92 -28.67 1.43
N LEU B 4 5.75 -28.10 1.64
CA LEU B 4 4.99 -27.44 0.59
C LEU B 4 5.72 -26.24 0.03
N PRO B 5 5.62 -26.03 -1.28
CA PRO B 5 6.19 -24.81 -1.86
C PRO B 5 5.52 -23.57 -1.30
N ARG B 6 6.28 -22.49 -1.20
CA ARG B 6 5.74 -21.22 -0.76
C ARG B 6 5.14 -20.48 -1.94
N THR B 7 3.91 -20.01 -1.79
CA THR B 7 3.29 -19.21 -2.84
C THR B 7 3.92 -17.83 -2.91
N VAL B 8 4.33 -17.47 -4.13
CA VAL B 8 4.82 -16.13 -4.41
C VAL B 8 3.98 -15.55 -5.54
N GLU B 9 3.24 -14.49 -5.25
CA GLU B 9 2.39 -13.85 -6.27
C GLU B 9 3.11 -12.66 -6.87
N LEU B 10 3.07 -12.54 -8.18
CA LEU B 10 3.59 -11.34 -8.84
C LEU B 10 2.45 -10.61 -9.52
N PHE B 11 2.16 -9.40 -9.07
CA PHE B 11 1.16 -8.55 -9.72
C PHE B 11 1.86 -7.61 -10.69
N TYR B 12 1.44 -7.65 -11.94
CA TYR B 12 2.12 -6.90 -13.01
C TYR B 12 1.17 -6.38 -14.09
N ASP B 13 1.66 -5.40 -14.84
CA ASP B 13 0.96 -4.81 -15.98
C ASP B 13 2.07 -4.66 -17.03
N VAL B 14 1.79 -5.00 -18.29
CA VAL B 14 2.87 -4.97 -19.29
C VAL B 14 3.27 -3.54 -19.65
N LEU B 15 2.50 -2.56 -19.17
CA LEU B 15 2.85 -1.16 -19.37
C LEU B 15 4.05 -0.77 -18.48
N SER B 16 4.32 -1.58 -17.45
CA SER B 16 5.34 -1.24 -16.45
C SER B 16 6.70 -1.86 -16.80
N PRO B 17 7.75 -1.02 -16.96
CA PRO B 17 9.07 -1.59 -17.30
C PRO B 17 9.65 -2.41 -16.14
N TYR B 18 9.56 -1.89 -14.93
CA TYR B 18 10.09 -2.62 -13.78
C TYR B 18 9.33 -3.92 -13.48
N SER B 19 8.05 -3.98 -13.84
CA SER B 19 7.31 -5.24 -13.72
C SER B 19 7.98 -6.34 -14.60
N TRP B 20 8.41 -5.96 -15.79
CA TRP B 20 9.08 -6.93 -16.66
C TRP B 20 10.35 -7.44 -16.00
N LEU B 21 11.13 -6.52 -15.44
CA LEU B 21 12.39 -6.90 -14.80
C LEU B 21 12.16 -7.85 -13.62
N GLY B 22 11.21 -7.52 -12.74
CA GLY B 22 10.92 -8.40 -11.62
C GLY B 22 10.42 -9.75 -12.07
N PHE B 23 9.54 -9.73 -13.07
CA PHE B 23 9.00 -10.93 -13.71
C PHE B 23 10.12 -11.87 -14.15
N GLU B 24 11.10 -11.36 -14.89
CA GLU B 24 12.13 -12.26 -15.42
C GLU B 24 12.97 -12.88 -14.29
N ILE B 25 13.30 -12.07 -13.27
CA ILE B 25 14.07 -12.61 -12.16
C ILE B 25 13.31 -13.74 -11.47
N LEU B 26 12.03 -13.50 -11.19
CA LEU B 26 11.22 -14.56 -10.58
C LEU B 26 11.09 -15.80 -11.47
N CYS B 27 10.88 -15.61 -12.76
CA CYS B 27 10.78 -16.75 -13.67
C CYS B 27 12.09 -17.55 -13.66
N ARG B 28 13.22 -16.88 -13.51
CA ARG B 28 14.51 -17.56 -13.49
C ARG B 28 14.69 -18.44 -12.24
N TYR B 29 13.99 -18.11 -11.17
CA TYR B 29 14.11 -18.85 -9.91
C TYR B 29 12.96 -19.81 -9.66
N GLN B 30 11.96 -19.80 -10.54
CA GLN B 30 10.74 -20.56 -10.25
C GLN B 30 10.96 -22.06 -10.10
N ASN B 31 12.00 -22.60 -10.75
CA ASN B 31 12.32 -24.02 -10.64
C ASN B 31 13.60 -24.29 -9.86
N ILE B 32 14.11 -23.26 -9.20
CA ILE B 32 15.28 -23.39 -8.34
C ILE B 32 14.84 -23.34 -6.88
N TRP B 33 14.08 -22.30 -6.53
CA TRP B 33 13.53 -22.19 -5.18
C TRP B 33 12.29 -23.06 -5.03
N ASN B 34 11.95 -23.43 -3.79
CA ASN B 34 10.73 -24.19 -3.54
C ASN B 34 9.53 -23.26 -3.47
N ILE B 35 9.14 -22.72 -4.62
CA ILE B 35 8.02 -21.78 -4.68
C ILE B 35 6.99 -22.18 -5.70
N ASN B 36 5.79 -21.66 -5.48
CA ASN B 36 4.70 -21.74 -6.41
C ASN B 36 4.51 -20.32 -6.95
N LEU B 37 5.15 -20.03 -8.08
CA LEU B 37 5.06 -18.69 -8.66
C LEU B 37 3.70 -18.50 -9.32
N GLN B 38 2.93 -17.54 -8.82
CA GLN B 38 1.60 -17.26 -9.34
C GLN B 38 1.58 -15.90 -10.02
N LEU B 39 1.51 -15.89 -11.34
CA LEU B 39 1.42 -14.64 -12.10
C LEU B 39 0.02 -14.03 -11.98
N ARG B 40 -0.05 -12.75 -11.68
CA ARG B 40 -1.34 -12.10 -11.42
C ARG B 40 -1.49 -10.88 -12.34
N PRO B 41 -2.00 -11.08 -13.55
CA PRO B 41 -2.17 -9.95 -14.47
C PRO B 41 -3.06 -8.87 -13.85
N SER B 42 -2.57 -7.64 -13.82
CA SER B 42 -3.27 -6.56 -13.14
C SER B 42 -3.29 -5.29 -13.99
N LEU B 43 -4.06 -4.29 -13.56
CA LEU B 43 -4.15 -3.03 -14.29
C LEU B 43 -3.68 -1.84 -13.44
N ILE B 44 -2.61 -1.18 -13.86
CA ILE B 44 -2.08 -0.04 -13.09
C ILE B 44 -3.14 1.05 -12.89
N THR B 45 -3.99 1.26 -13.88
CA THR B 45 -5.01 2.32 -13.76
C THR B 45 -6.00 2.08 -12.62
N GLY B 46 -6.14 0.84 -12.16
CA GLY B 46 -7.03 0.57 -11.06
C GLY B 46 -6.37 0.85 -9.71
N ILE B 47 -5.05 1.04 -9.74
CA ILE B 47 -4.27 1.14 -8.51
C ILE B 47 -3.79 2.55 -8.22
N MET B 48 -3.23 3.21 -9.22
CA MET B 48 -2.50 4.45 -8.96
C MET B 48 -3.40 5.67 -8.69
N LYS B 49 -3.18 6.25 -7.52
CA LYS B 49 -4.07 7.25 -6.96
C LYS B 49 -3.28 8.46 -6.53
N ASN B 53 -0.35 16.74 -9.91
CA ASN B 53 0.57 17.87 -9.94
C ASN B 53 2.02 17.41 -10.18
N LYS B 54 2.40 17.30 -11.44
CA LYS B 54 3.71 16.82 -11.82
C LYS B 54 4.74 17.93 -11.95
N PRO B 55 6.03 17.59 -11.91
CA PRO B 55 7.08 18.61 -12.03
C PRO B 55 6.92 19.47 -13.28
N PRO B 56 7.14 20.79 -13.13
CA PRO B 56 7.07 21.75 -14.23
C PRO B 56 8.34 21.77 -15.07
N GLY B 57 9.40 21.13 -14.59
CA GLY B 57 10.66 21.11 -15.32
C GLY B 57 10.62 20.28 -16.59
N LEU B 58 11.36 20.71 -17.61
CA LEU B 58 11.30 20.06 -18.92
C LEU B 58 11.75 18.61 -18.85
N LEU B 59 12.79 18.37 -18.06
CA LEU B 59 13.42 17.04 -17.99
C LEU B 59 13.59 16.64 -16.53
N PRO B 60 12.49 16.19 -15.90
CA PRO B 60 12.48 15.87 -14.48
C PRO B 60 13.58 14.87 -14.08
N ARG B 61 14.15 15.08 -12.90
CA ARG B 61 15.22 14.23 -12.37
C ARG B 61 14.82 12.75 -12.29
N LYS B 62 13.58 12.47 -11.89
CA LYS B 62 13.18 11.07 -11.79
C LYS B 62 13.09 10.41 -13.17
N GLY B 63 12.74 11.20 -14.18
CA GLY B 63 12.70 10.70 -15.54
C GLY B 63 14.09 10.38 -16.07
N LEU B 64 15.05 11.27 -15.79
CA LEU B 64 16.43 11.03 -16.17
C LEU B 64 16.94 9.79 -15.46
N TYR B 65 16.66 9.70 -14.17
CA TYR B 65 17.06 8.53 -13.40
C TYR B 65 16.53 7.22 -14.00
N MET B 66 15.24 7.17 -14.33
CA MET B 66 14.69 5.94 -14.90
C MET B 66 15.37 5.57 -16.21
N ALA B 67 15.60 6.56 -17.06
CA ALA B 67 16.31 6.32 -18.31
C ALA B 67 17.70 5.72 -18.05
N ASN B 68 18.45 6.31 -17.13
CA ASN B 68 19.78 5.80 -16.81
C ASN B 68 19.71 4.42 -16.18
N ASP B 69 18.71 4.23 -15.32
CA ASP B 69 18.56 2.99 -14.58
C ASP B 69 18.24 1.81 -15.53
N LEU B 70 17.31 2.02 -16.46
CA LEU B 70 16.96 0.95 -17.40
C LEU B 70 18.15 0.59 -18.30
N LYS B 71 19.00 1.56 -18.61
CA LYS B 71 20.21 1.26 -19.37
C LYS B 71 21.14 0.32 -18.61
N LEU B 72 21.38 0.62 -17.34
CA LEU B 72 22.20 -0.26 -16.51
C LEU B 72 21.55 -1.63 -16.33
N LEU B 73 20.26 -1.63 -16.03
CA LEU B 73 19.59 -2.91 -15.72
C LEU B 73 19.48 -3.84 -16.93
N ARG B 74 19.39 -3.26 -18.13
CA ARG B 74 19.41 -4.07 -19.34
C ARG B 74 20.64 -4.98 -19.31
N HIS B 75 21.78 -4.39 -18.96
CA HIS B 75 23.04 -5.14 -18.93
C HIS B 75 23.13 -6.04 -17.71
N HIS B 76 22.73 -5.52 -16.55
CA HIS B 76 22.84 -6.26 -15.30
C HIS B 76 21.94 -7.51 -15.29
N LEU B 77 20.74 -7.37 -15.82
CA LEU B 77 19.76 -8.45 -15.80
C LEU B 77 19.75 -9.24 -17.11
N GLN B 78 20.45 -8.73 -18.13
CA GLN B 78 20.40 -9.33 -19.47
C GLN B 78 18.97 -9.48 -19.97
N ILE B 79 18.26 -8.34 -20.03
CA ILE B 79 16.90 -8.27 -20.53
C ILE B 79 16.89 -7.16 -21.58
N PRO B 80 16.34 -7.43 -22.77
CA PRO B 80 16.45 -6.46 -23.87
C PRO B 80 15.44 -5.32 -23.75
N ILE B 81 15.49 -4.60 -22.64
CA ILE B 81 14.56 -3.51 -22.43
C ILE B 81 15.12 -2.22 -23.04
N HIS B 82 14.24 -1.50 -23.73
CA HIS B 82 14.63 -0.29 -24.45
C HIS B 82 13.57 0.79 -24.25
N PHE B 83 14.01 1.95 -23.76
CA PHE B 83 13.13 3.10 -23.64
C PHE B 83 12.55 3.42 -25.01
N PRO B 84 11.23 3.69 -25.07
CA PRO B 84 10.54 3.93 -26.34
C PRO B 84 11.09 5.17 -27.06
N LYS B 85 11.08 5.11 -28.39
CA LYS B 85 11.51 6.24 -29.21
C LYS B 85 10.59 7.46 -29.06
N ASP B 86 9.29 7.22 -28.92
CA ASP B 86 8.37 8.34 -28.72
C ASP B 86 8.09 8.60 -27.24
N PHE B 87 7.34 9.66 -26.97
CA PHE B 87 7.07 10.06 -25.59
C PHE B 87 6.47 8.90 -24.82
N LEU B 88 6.89 8.73 -23.57
CA LEU B 88 6.28 7.75 -22.67
C LEU B 88 4.78 8.05 -22.54
N SER B 89 4.45 9.33 -22.59
CA SER B 89 3.05 9.78 -22.58
C SER B 89 2.18 8.98 -23.52
N VAL B 90 2.73 8.67 -24.70
CA VAL B 90 1.99 8.01 -25.76
C VAL B 90 1.53 6.61 -25.38
N MET B 91 2.50 5.75 -25.05
CA MET B 91 2.22 4.39 -24.63
C MET B 91 1.26 4.42 -23.45
N LEU B 92 1.50 5.33 -22.51
CA LEU B 92 0.70 5.35 -21.29
C LEU B 92 -0.74 5.78 -21.54
N GLU B 93 -0.93 6.80 -22.38
CA GLU B 93 -2.27 7.26 -22.69
C GLU B 93 -3.06 6.22 -23.49
N LYS B 94 -2.39 5.47 -24.34
CA LYS B 94 -3.05 4.39 -25.07
C LYS B 94 -3.48 3.29 -24.10
N GLY B 95 -2.64 3.02 -23.12
CA GLY B 95 -2.97 2.03 -22.08
C GLY B 95 -2.74 0.59 -22.48
N SER B 96 -3.10 -0.33 -21.59
CA SER B 96 -2.85 -1.75 -21.81
C SER B 96 -4.10 -2.59 -21.51
N LEU B 97 -5.27 -1.96 -21.59
CA LEU B 97 -6.50 -2.63 -21.19
C LEU B 97 -6.73 -3.95 -21.95
N SER B 98 -6.70 -3.89 -23.27
CA SER B 98 -6.93 -5.09 -24.09
C SER B 98 -5.86 -6.15 -23.85
N ALA B 99 -4.61 -5.72 -23.77
CA ALA B 99 -3.51 -6.64 -23.49
C ALA B 99 -3.69 -7.34 -22.13
N MET B 100 -4.04 -6.58 -21.09
CA MET B 100 -4.16 -7.18 -19.76
C MET B 100 -5.41 -8.06 -19.66
N ARG B 101 -6.44 -7.70 -20.43
CA ARG B 101 -7.61 -8.57 -20.52
C ARG B 101 -7.26 -9.85 -21.26
N PHE B 102 -6.46 -9.74 -22.32
CA PHE B 102 -6.02 -10.92 -23.05
C PHE B 102 -5.24 -11.87 -22.14
N LEU B 103 -4.35 -11.31 -21.34
CA LEU B 103 -3.53 -12.14 -20.46
C LEU B 103 -4.41 -12.76 -19.39
N THR B 104 -5.46 -12.04 -19.00
CA THR B 104 -6.42 -12.57 -18.04
C THR B 104 -7.11 -13.79 -18.67
N ALA B 105 -7.53 -13.64 -19.92
CA ALA B 105 -8.15 -14.76 -20.64
C ALA B 105 -7.20 -15.96 -20.76
N VAL B 106 -5.92 -15.68 -21.02
CA VAL B 106 -4.90 -16.73 -21.09
C VAL B 106 -4.79 -17.43 -19.74
N ASN B 107 -4.78 -16.66 -18.66
CA ASN B 107 -4.66 -17.24 -17.33
C ASN B 107 -5.83 -18.17 -17.06
N LEU B 108 -7.02 -17.77 -17.50
CA LEU B 108 -8.23 -18.54 -17.24
C LEU B 108 -8.32 -19.81 -18.09
N GLU B 109 -7.83 -19.74 -19.33
CA GLU B 109 -8.05 -20.84 -20.27
C GLU B 109 -6.81 -21.65 -20.60
N HIS B 110 -5.66 -20.97 -20.70
CA HIS B 110 -4.40 -21.62 -21.04
C HIS B 110 -3.27 -21.11 -20.14
N PRO B 111 -3.38 -21.34 -18.83
CA PRO B 111 -2.40 -20.75 -17.91
C PRO B 111 -0.96 -21.17 -18.21
N GLU B 112 -0.78 -22.32 -18.84
CA GLU B 112 0.57 -22.77 -19.17
C GLU B 112 1.26 -21.84 -20.17
N MET B 113 0.47 -21.00 -20.85
CA MET B 113 1.00 -20.08 -21.85
C MET B 113 1.18 -18.66 -21.30
N LEU B 114 0.77 -18.44 -20.05
CA LEU B 114 0.76 -17.08 -19.51
C LEU B 114 2.15 -16.43 -19.46
N GLU B 115 3.15 -17.18 -19.02
CA GLU B 115 4.50 -16.63 -18.93
C GLU B 115 4.98 -16.14 -20.29
N LYS B 116 4.91 -16.99 -21.31
CA LYS B 116 5.36 -16.58 -22.63
C LYS B 116 4.52 -15.46 -23.25
N ALA B 117 3.21 -15.52 -23.08
CA ALA B 117 2.34 -14.48 -23.62
C ALA B 117 2.67 -13.13 -22.99
N SER B 118 2.94 -13.14 -21.69
CA SER B 118 3.29 -11.91 -20.99
C SER B 118 4.63 -11.37 -21.51
N ARG B 119 5.62 -12.26 -21.62
CA ARG B 119 6.94 -11.86 -22.12
C ARG B 119 6.83 -11.26 -23.54
N GLU B 120 6.04 -11.89 -24.40
CA GLU B 120 5.93 -11.39 -25.78
C GLU B 120 5.27 -10.01 -25.82
N LEU B 121 4.34 -9.74 -24.93
CA LEU B 121 3.74 -8.42 -24.89
C LEU B 121 4.73 -7.36 -24.40
N TRP B 122 5.53 -7.67 -23.38
CA TRP B 122 6.58 -6.75 -22.96
C TRP B 122 7.58 -6.53 -24.10
N MET B 123 7.86 -7.58 -24.87
CA MET B 123 8.81 -7.45 -25.98
C MET B 123 8.31 -6.43 -26.99
N ARG B 124 7.01 -6.33 -27.14
CA ARG B 124 6.46 -5.33 -28.03
C ARG B 124 6.61 -3.95 -27.46
N VAL B 125 6.01 -3.73 -26.30
CA VAL B 125 5.96 -2.37 -25.77
C VAL B 125 7.31 -1.87 -25.26
N TRP B 126 8.06 -2.74 -24.60
CA TRP B 126 9.28 -2.31 -23.90
C TRP B 126 10.60 -2.81 -24.48
N SER B 127 10.54 -3.47 -25.64
CA SER B 127 11.77 -3.80 -26.36
C SER B 127 11.80 -3.18 -27.77
N ARG B 128 10.73 -3.39 -28.53
CA ARG B 128 10.68 -3.01 -29.94
C ARG B 128 9.83 -1.77 -30.20
N ASN B 129 9.28 -1.18 -29.14
CA ASN B 129 8.42 0.00 -29.27
C ASN B 129 7.29 -0.24 -30.27
N GLU B 130 6.62 -1.37 -30.12
CA GLU B 130 5.48 -1.70 -30.97
C GLU B 130 4.18 -1.56 -30.20
N ASP B 131 3.09 -1.32 -30.90
CA ASP B 131 1.78 -1.13 -30.30
C ASP B 131 1.29 -2.39 -29.57
N ILE B 132 0.54 -2.22 -28.48
CA ILE B 132 -0.08 -3.36 -27.84
C ILE B 132 -1.58 -3.16 -27.63
N THR B 133 -2.18 -2.25 -28.39
CA THR B 133 -3.61 -1.95 -28.22
C THR B 133 -4.50 -2.52 -29.33
N GLU B 134 -3.94 -2.70 -30.53
CA GLU B 134 -4.72 -3.21 -31.66
C GLU B 134 -4.83 -4.72 -31.63
N PRO B 135 -5.96 -5.27 -32.08
CA PRO B 135 -6.12 -6.72 -32.14
C PRO B 135 -4.94 -7.41 -32.84
N GLN B 136 -4.52 -6.91 -33.99
CA GLN B 136 -3.42 -7.52 -34.73
C GLN B 136 -2.14 -7.57 -33.89
N SER B 137 -1.93 -6.54 -33.07
CA SER B 137 -0.76 -6.48 -32.22
C SER B 137 -0.78 -7.60 -31.18
N ILE B 138 -1.92 -7.75 -30.52
CA ILE B 138 -2.08 -8.78 -29.49
C ILE B 138 -1.94 -10.17 -30.09
N LEU B 139 -2.58 -10.40 -31.22
CA LEU B 139 -2.46 -11.68 -31.91
C LEU B 139 -1.03 -12.01 -32.30
N ALA B 140 -0.28 -11.01 -32.76
CA ALA B 140 1.11 -11.22 -33.13
C ALA B 140 1.93 -11.71 -31.94
N ALA B 141 1.75 -11.06 -30.78
CA ALA B 141 2.42 -11.50 -29.57
C ALA B 141 2.02 -12.91 -29.16
N ALA B 142 0.72 -13.21 -29.24
CA ALA B 142 0.23 -14.53 -28.84
C ALA B 142 0.84 -15.64 -29.71
N GLU B 143 0.93 -15.38 -31.01
CA GLU B 143 1.47 -16.39 -31.91
C GLU B 143 2.98 -16.56 -31.71
N LYS B 144 3.67 -15.46 -31.46
CA LYS B 144 5.09 -15.51 -31.12
C LYS B 144 5.31 -16.37 -29.88
N ALA B 145 4.36 -16.31 -28.95
CA ALA B 145 4.42 -17.08 -27.71
C ALA B 145 4.20 -18.57 -27.93
N GLY B 146 3.70 -18.93 -29.12
CA GLY B 146 3.49 -20.33 -29.44
C GLY B 146 2.04 -20.77 -29.55
N MET B 147 1.11 -19.83 -29.39
CA MET B 147 -0.31 -20.15 -29.56
C MET B 147 -0.67 -20.29 -31.03
N SER B 148 -1.63 -21.17 -31.34
CA SER B 148 -2.14 -21.26 -32.69
C SER B 148 -2.98 -20.01 -32.99
N ALA B 149 -3.08 -19.66 -34.26
CA ALA B 149 -3.88 -18.51 -34.66
C ALA B 149 -5.31 -18.67 -34.16
N GLU B 150 -5.83 -19.91 -34.24
CA GLU B 150 -7.18 -20.20 -33.78
C GLU B 150 -7.29 -20.01 -32.27
N GLN B 151 -6.29 -20.52 -31.55
CA GLN B 151 -6.26 -20.39 -30.09
C GLN B 151 -6.24 -18.92 -29.72
N ALA B 152 -5.33 -18.17 -30.34
CA ALA B 152 -5.17 -16.76 -30.05
C ALA B 152 -6.43 -15.95 -30.39
N GLN B 153 -7.01 -16.22 -31.56
CA GLN B 153 -8.23 -15.53 -31.96
C GLN B 153 -9.36 -15.82 -30.98
N GLY B 154 -9.47 -17.08 -30.57
CA GLY B 154 -10.49 -17.49 -29.63
C GLY B 154 -10.38 -16.73 -28.32
N LEU B 155 -9.15 -16.58 -27.84
CA LEU B 155 -8.93 -15.82 -26.61
C LEU B 155 -9.24 -14.34 -26.81
N LEU B 156 -8.80 -13.79 -27.93
CA LEU B 156 -9.05 -12.37 -28.21
C LEU B 156 -10.54 -12.06 -28.16
N GLU B 157 -11.37 -13.00 -28.61
CA GLU B 157 -12.80 -12.78 -28.67
C GLU B 157 -13.43 -12.74 -27.28
N LYS B 158 -12.67 -13.14 -26.26
CA LYS B 158 -13.21 -13.18 -24.90
C LYS B 158 -12.82 -11.97 -24.06
N ILE B 159 -12.04 -11.08 -24.65
CA ILE B 159 -11.48 -9.93 -23.93
C ILE B 159 -12.50 -9.07 -23.21
N ALA B 160 -13.70 -8.97 -23.77
CA ALA B 160 -14.72 -8.11 -23.18
C ALA B 160 -15.82 -8.90 -22.49
N THR B 161 -15.64 -10.22 -22.35
CA THR B 161 -16.63 -11.02 -21.64
C THR B 161 -16.61 -10.70 -20.15
N PRO B 162 -17.77 -10.82 -19.49
CA PRO B 162 -17.83 -10.51 -18.05
C PRO B 162 -16.85 -11.33 -17.22
N LYS B 163 -16.61 -12.59 -17.57
CA LYS B 163 -15.74 -13.43 -16.74
C LYS B 163 -14.30 -12.89 -16.77
N VAL B 164 -13.87 -12.44 -17.93
CA VAL B 164 -12.53 -11.89 -18.09
C VAL B 164 -12.42 -10.53 -17.46
N LYS B 165 -13.38 -9.66 -17.76
CA LYS B 165 -13.40 -8.34 -17.13
C LYS B 165 -13.40 -8.45 -15.62
N ASN B 166 -14.22 -9.33 -15.07
CA ASN B 166 -14.34 -9.47 -13.63
C ASN B 166 -13.05 -9.98 -13.00
N GLN B 167 -12.40 -10.92 -13.69
CA GLN B 167 -11.20 -11.53 -13.14
C GLN B 167 -10.07 -10.49 -13.07
N LEU B 168 -9.97 -9.66 -14.11
CA LEU B 168 -8.93 -8.63 -14.11
C LEU B 168 -9.19 -7.60 -13.01
N LYS B 169 -10.46 -7.24 -12.81
CA LYS B 169 -10.81 -6.29 -11.75
C LYS B 169 -10.51 -6.89 -10.38
N GLU B 170 -10.84 -8.16 -10.20
CA GLU B 170 -10.64 -8.81 -8.91
C GLU B 170 -9.15 -8.96 -8.61
N THR B 171 -8.36 -9.26 -9.63
CA THR B 171 -6.94 -9.40 -9.42
C THR B 171 -6.33 -8.06 -9.02
N THR B 172 -6.72 -7.00 -9.74
CA THR B 172 -6.23 -5.67 -9.42
C THR B 172 -6.67 -5.27 -8.00
N GLU B 173 -7.90 -5.60 -7.64
CA GLU B 173 -8.37 -5.31 -6.28
C GLU B 173 -7.50 -6.05 -5.25
N ALA B 174 -7.13 -7.29 -5.55
CA ALA B 174 -6.27 -8.02 -4.62
C ALA B 174 -4.93 -7.32 -4.42
N ALA B 175 -4.36 -6.76 -5.49
CA ALA B 175 -3.15 -5.95 -5.34
C ALA B 175 -3.37 -4.76 -4.40
N CYS B 176 -4.49 -4.05 -4.57
CA CYS B 176 -4.79 -2.92 -3.68
C CYS B 176 -4.85 -3.37 -2.24
N ARG B 177 -5.51 -4.50 -2.01
CA ARG B 177 -5.68 -5.01 -0.65
C ARG B 177 -4.36 -5.39 -0.01
N TYR B 178 -3.38 -5.76 -0.83
CA TYR B 178 -2.02 -6.01 -0.34
C TYR B 178 -1.21 -4.72 -0.15
N GLY B 179 -1.82 -3.57 -0.41
CA GLY B 179 -1.16 -2.28 -0.19
C GLY B 179 -0.45 -1.67 -1.38
N ALA B 180 -0.69 -2.20 -2.57
CA ALA B 180 -0.06 -1.67 -3.80
C ALA B 180 -0.34 -0.19 -4.01
N PHE B 181 0.72 0.58 -4.27
CA PHE B 181 0.61 1.97 -4.72
C PHE B 181 1.17 2.09 -6.14
N GLY B 182 1.59 0.96 -6.68
CA GLY B 182 2.21 0.89 -8.00
C GLY B 182 2.63 -0.55 -8.24
N LEU B 183 3.03 -0.88 -9.46
CA LEU B 183 3.45 -2.24 -9.78
C LEU B 183 4.91 -2.19 -10.22
N PRO B 184 5.62 -3.33 -10.08
CA PRO B 184 5.12 -4.63 -9.64
C PRO B 184 5.07 -4.70 -8.12
N ILE B 185 4.21 -5.58 -7.61
CA ILE B 185 4.35 -6.02 -6.23
C ILE B 185 4.48 -7.54 -6.22
N THR B 186 5.31 -8.02 -5.31
CA THR B 186 5.55 -9.45 -5.15
C THR B 186 5.10 -9.80 -3.74
N VAL B 187 4.22 -10.79 -3.62
CA VAL B 187 3.67 -11.13 -2.32
C VAL B 187 4.08 -12.54 -1.95
N ALA B 188 4.82 -12.68 -0.86
CA ALA B 188 5.28 -13.99 -0.42
C ALA B 188 4.54 -14.40 0.83
N HIS B 189 4.02 -15.64 0.82
CA HIS B 189 3.37 -16.23 1.96
C HIS B 189 4.32 -17.27 2.52
N VAL B 190 4.97 -16.93 3.63
CA VAL B 190 6.03 -17.79 4.17
C VAL B 190 6.14 -17.63 5.68
N ASP B 191 6.39 -18.73 6.37
CA ASP B 191 6.66 -18.69 7.81
C ASP B 191 5.53 -18.03 8.58
N GLY B 192 4.31 -18.20 8.10
CA GLY B 192 3.12 -17.72 8.80
C GLY B 192 2.84 -16.24 8.65
N GLN B 193 3.52 -15.60 7.72
CA GLN B 193 3.30 -14.19 7.47
C GLN B 193 3.19 -13.92 5.98
N THR B 194 2.67 -12.74 5.64
CA THR B 194 2.54 -12.32 4.26
C THR B 194 3.33 -11.04 4.08
N HIS B 195 4.20 -11.01 3.07
CA HIS B 195 5.09 -9.86 2.87
C HIS B 195 4.92 -9.33 1.46
N MET B 196 4.70 -8.03 1.34
CA MET B 196 4.57 -7.41 0.03
C MET B 196 5.80 -6.61 -0.26
N LEU B 197 6.41 -6.87 -1.42
CA LEU B 197 7.63 -6.18 -1.83
C LEU B 197 7.37 -5.44 -3.14
N PHE B 198 7.71 -4.14 -3.15
CA PHE B 198 7.48 -3.31 -4.33
C PHE B 198 8.72 -3.22 -5.21
N GLY B 199 8.53 -3.34 -6.53
CA GLY B 199 9.60 -3.11 -7.47
C GLY B 199 10.41 -4.34 -7.81
N SER B 200 11.52 -4.15 -8.55
CA SER B 200 12.29 -5.27 -9.06
C SER B 200 13.63 -5.47 -8.34
N ASP B 201 13.90 -4.64 -7.34
CA ASP B 201 15.22 -4.60 -6.70
C ASP B 201 15.25 -5.23 -5.31
N ARG B 202 14.22 -6.00 -4.98
CA ARG B 202 14.11 -6.59 -3.64
C ARG B 202 14.14 -8.11 -3.67
N MET B 203 14.61 -8.69 -4.78
CA MET B 203 14.55 -10.16 -4.88
C MET B 203 15.54 -10.86 -3.94
N GLU B 204 16.63 -10.18 -3.55
CA GLU B 204 17.53 -10.77 -2.56
C GLU B 204 16.87 -10.81 -1.19
N LEU B 205 16.11 -9.77 -0.85
CA LEU B 205 15.33 -9.77 0.37
C LEU B 205 14.28 -10.89 0.34
N LEU B 206 13.60 -11.03 -0.79
CA LEU B 206 12.69 -12.17 -0.99
C LEU B 206 13.39 -13.50 -0.71
N ALA B 207 14.57 -13.69 -1.29
CA ALA B 207 15.34 -14.90 -1.03
C ALA B 207 15.49 -15.14 0.46
N HIS B 208 15.87 -14.10 1.18
CA HIS B 208 16.11 -14.23 2.61
C HIS B 208 14.80 -14.57 3.35
N LEU B 209 13.70 -13.91 2.99
CA LEU B 209 12.40 -14.26 3.57
C LEU B 209 12.09 -15.74 3.36
N LEU B 210 12.44 -16.26 2.19
CA LEU B 210 12.13 -17.65 1.85
C LEU B 210 13.16 -18.64 2.37
N GLY B 211 14.25 -18.13 2.93
CA GLY B 211 15.34 -19.00 3.35
C GLY B 211 16.00 -19.70 2.18
N GLU B 212 15.99 -19.05 1.02
CA GLU B 212 16.57 -19.61 -0.19
C GLU B 212 17.86 -18.88 -0.55
N LYS B 213 18.69 -19.52 -1.37
CA LYS B 213 19.98 -18.94 -1.74
C LYS B 213 19.85 -17.95 -2.89
N TRP B 214 20.32 -16.72 -2.67
CA TRP B 214 20.35 -15.71 -3.72
C TRP B 214 21.63 -15.88 -4.52
N MET B 215 21.49 -16.05 -5.83
CA MET B 215 22.65 -16.22 -6.71
C MET B 215 22.69 -15.13 -7.78
N GLY B 216 22.10 -13.99 -7.44
CA GLY B 216 22.06 -12.85 -8.36
C GLY B 216 20.89 -12.93 -9.32
N PRO B 217 20.74 -11.91 -10.17
CA PRO B 217 19.58 -11.83 -11.07
C PRO B 217 19.62 -12.84 -12.21
N ILE B 218 20.78 -13.45 -12.44
CA ILE B 218 20.90 -14.49 -13.45
C ILE B 218 21.48 -15.77 -12.86
N PRO B 219 20.64 -16.54 -12.14
CA PRO B 219 21.17 -17.74 -11.49
C PRO B 219 21.66 -18.78 -12.50
N PRO B 220 22.68 -19.56 -12.13
CA PRO B 220 23.26 -20.55 -13.03
C PRO B 220 22.34 -21.74 -13.21
N ALA B 221 22.55 -22.50 -14.27
CA ALA B 221 21.77 -23.70 -14.54
C ALA B 221 21.85 -24.69 -13.38
N GLY C 2 49.61 -1.41 -7.78
CA GLY C 2 48.35 -1.96 -8.24
C GLY C 2 47.42 -0.90 -8.81
N PRO C 3 46.32 -1.35 -9.46
CA PRO C 3 45.37 -0.39 -10.05
C PRO C 3 44.72 0.48 -8.98
N LEU C 4 44.44 1.72 -9.34
CA LEU C 4 43.97 2.71 -8.39
C LEU C 4 42.59 2.32 -7.90
N PRO C 5 42.30 2.59 -6.62
CA PRO C 5 40.95 2.30 -6.13
C PRO C 5 39.95 3.21 -6.84
N ARG C 6 38.72 2.72 -6.97
CA ARG C 6 37.65 3.48 -7.58
C ARG C 6 36.98 4.33 -6.52
N THR C 7 36.79 5.61 -6.82
CA THR C 7 36.11 6.49 -5.89
C THR C 7 34.61 6.21 -5.91
N VAL C 8 34.07 5.98 -4.72
CA VAL C 8 32.63 5.83 -4.55
C VAL C 8 32.18 6.87 -3.54
N GLU C 9 31.35 7.81 -3.97
CA GLU C 9 30.85 8.87 -3.10
C GLU C 9 29.49 8.51 -2.55
N LEU C 10 29.28 8.73 -1.27
CA LEU C 10 27.94 8.55 -0.70
C LEU C 10 27.43 9.88 -0.16
N PHE C 11 26.34 10.38 -0.74
CA PHE C 11 25.71 11.62 -0.27
C PHE C 11 24.57 11.25 0.66
N TYR C 12 24.62 11.79 1.88
CA TYR C 12 23.67 11.37 2.92
C TYR C 12 23.30 12.50 3.87
N ASP C 13 22.16 12.30 4.55
CA ASP C 13 21.66 13.21 5.57
C ASP C 13 21.19 12.28 6.69
N VAL C 14 21.52 12.58 7.93
CA VAL C 14 21.18 11.67 9.03
C VAL C 14 19.66 11.66 9.32
N LEU C 15 18.92 12.56 8.69
CA LEU C 15 17.46 12.54 8.78
C LEU C 15 16.86 11.39 7.95
N SER C 16 17.65 10.87 7.01
CA SER C 16 17.19 9.83 6.07
C SER C 16 17.45 8.41 6.60
N PRO C 17 16.40 7.60 6.77
CA PRO C 17 16.62 6.23 7.26
C PRO C 17 17.34 5.34 6.22
N TYR C 18 16.96 5.46 4.95
CA TYR C 18 17.63 4.65 3.92
C TYR C 18 19.07 5.07 3.69
N SER C 19 19.39 6.33 3.99
CA SER C 19 20.79 6.76 3.91
C SER C 19 21.64 5.96 4.92
N TRP C 20 21.10 5.74 6.11
CA TRP C 20 21.85 4.97 7.11
C TRP C 20 22.10 3.55 6.60
N LEU C 21 21.06 2.96 6.02
CA LEU C 21 21.16 1.58 5.51
C LEU C 21 22.22 1.47 4.41
N GLY C 22 22.18 2.37 3.43
CA GLY C 22 23.20 2.36 2.39
C GLY C 22 24.58 2.61 2.94
N PHE C 23 24.67 3.55 3.88
CA PHE C 23 25.94 3.87 4.56
C PHE C 23 26.57 2.64 5.18
N GLU C 24 25.78 1.84 5.91
CA GLU C 24 26.38 0.68 6.59
C GLU C 24 26.87 -0.40 5.61
N ILE C 25 26.10 -0.64 4.55
CA ILE C 25 26.53 -1.61 3.54
C ILE C 25 27.85 -1.17 2.91
N LEU C 26 27.93 0.10 2.52
CA LEU C 26 29.16 0.62 1.95
C LEU C 26 30.33 0.52 2.93
N CYS C 27 30.09 0.89 4.18
CA CYS C 27 31.15 0.81 5.19
C CYS C 27 31.65 -0.63 5.34
N ARG C 28 30.74 -1.60 5.24
CA ARG C 28 31.13 -3.00 5.40
C ARG C 28 32.01 -3.49 4.26
N TYR C 29 31.91 -2.83 3.11
CA TYR C 29 32.70 -3.24 1.94
C TYR C 29 33.92 -2.36 1.70
N GLN C 30 34.12 -1.32 2.50
CA GLN C 30 35.14 -0.34 2.15
C GLN C 30 36.57 -0.89 2.17
N ASN C 31 36.80 -1.96 2.93
CA ASN C 31 38.11 -2.60 2.99
C ASN C 31 38.15 -3.98 2.30
N ILE C 32 37.06 -4.32 1.62
CA ILE C 32 36.97 -5.55 0.86
C ILE C 32 37.13 -5.26 -0.64
N TRP C 33 36.33 -4.31 -1.13
CA TRP C 33 36.43 -3.91 -2.53
C TRP C 33 37.56 -2.90 -2.68
N ASN C 34 38.08 -2.76 -3.90
CA ASN C 34 39.12 -1.78 -4.16
C ASN C 34 38.51 -0.40 -4.42
N ILE C 35 37.99 0.20 -3.35
CA ILE C 35 37.38 1.51 -3.48
C ILE C 35 37.93 2.51 -2.49
N ASN C 36 37.72 3.77 -2.81
CA ASN C 36 37.97 4.89 -1.95
C ASN C 36 36.59 5.43 -1.59
N LEU C 37 36.05 5.00 -0.46
CA LEU C 37 34.74 5.46 -0.03
C LEU C 37 34.83 6.88 0.50
N GLN C 38 34.11 7.81 -0.14
CA GLN C 38 34.12 9.20 0.26
C GLN C 38 32.75 9.58 0.79
N LEU C 39 32.64 9.79 2.09
CA LEU C 39 31.39 10.24 2.69
C LEU C 39 31.15 11.71 2.41
N ARG C 40 29.94 12.06 1.99
CA ARG C 40 29.60 13.42 1.60
C ARG C 40 28.37 13.90 2.35
N PRO C 41 28.59 14.52 3.52
CA PRO C 41 27.45 15.01 4.31
C PRO C 41 26.67 16.05 3.52
N SER C 42 25.36 15.85 3.39
CA SER C 42 24.52 16.68 2.55
C SER C 42 23.23 17.03 3.27
N LEU C 43 22.46 17.96 2.69
CA LEU C 43 21.22 18.40 3.33
C LEU C 43 20.02 18.14 2.41
N ILE C 44 19.11 17.29 2.85
CA ILE C 44 17.93 16.96 2.06
C ILE C 44 17.11 18.20 1.67
N THR C 45 17.02 19.18 2.57
CA THR C 45 16.24 20.38 2.29
C THR C 45 16.79 21.19 1.11
N GLY C 46 18.06 21.01 0.77
CA GLY C 46 18.63 21.72 -0.36
C GLY C 46 18.32 21.05 -1.68
N ILE C 47 17.84 19.81 -1.60
CA ILE C 47 17.57 19.00 -2.78
C ILE C 47 16.09 18.95 -3.12
N MET C 48 15.28 18.66 -2.11
CA MET C 48 13.87 18.27 -2.32
C MET C 48 12.98 19.37 -2.89
N LYS C 49 12.23 19.01 -3.92
CA LYS C 49 11.29 19.91 -4.57
C LYS C 49 9.91 19.27 -4.52
N LYS C 54 0.10 15.77 -2.19
CA LYS C 54 0.40 14.78 -1.16
C LYS C 54 -0.87 14.22 -0.54
N PRO C 55 -0.85 12.94 -0.15
CA PRO C 55 -2.05 12.17 0.19
C PRO C 55 -2.92 12.78 1.30
N PRO C 56 -4.23 12.84 1.06
CA PRO C 56 -5.25 13.25 2.03
C PRO C 56 -5.62 12.11 2.98
N GLY C 57 -5.21 10.89 2.64
CA GLY C 57 -5.56 9.71 3.43
C GLY C 57 -4.83 9.66 4.76
N LEU C 58 -5.50 9.14 5.79
CA LEU C 58 -4.94 9.17 7.13
C LEU C 58 -3.64 8.39 7.20
N LEU C 59 -3.59 7.26 6.52
CA LEU C 59 -2.45 6.34 6.58
C LEU C 59 -2.02 5.92 5.18
N PRO C 60 -1.29 6.79 4.48
CA PRO C 60 -0.96 6.56 3.08
C PRO C 60 -0.21 5.24 2.86
N ARG C 61 -0.43 4.64 1.70
CA ARG C 61 0.19 3.37 1.35
C ARG C 61 1.71 3.41 1.37
N LYS C 62 2.30 4.51 0.90
CA LYS C 62 3.77 4.58 0.91
C LYS C 62 4.33 4.66 2.33
N GLY C 63 3.56 5.27 3.24
CA GLY C 63 3.97 5.32 4.63
C GLY C 63 3.92 3.96 5.30
N LEU C 64 2.87 3.19 5.01
CA LEU C 64 2.76 1.83 5.51
C LEU C 64 3.89 1.00 4.93
N TYR C 65 4.15 1.16 3.65
CA TYR C 65 5.23 0.42 3.01
C TYR C 65 6.57 0.67 3.68
N MET C 66 6.89 1.94 3.95
CA MET C 66 8.17 2.24 4.58
C MET C 66 8.27 1.63 5.98
N ALA C 67 7.20 1.71 6.74
CA ALA C 67 7.20 1.10 8.07
C ALA C 67 7.46 -0.41 7.99
N ASN C 68 6.78 -1.08 7.05
CA ASN C 68 6.97 -2.52 6.88
C ASN C 68 8.37 -2.83 6.37
N ASP C 69 8.85 -1.99 5.46
CA ASP C 69 10.15 -2.20 4.83
C ASP C 69 11.29 -2.08 5.85
N LEU C 70 11.24 -1.06 6.70
CA LEU C 70 12.31 -0.87 7.68
C LEU C 70 12.31 -2.00 8.71
N LYS C 71 11.14 -2.54 8.99
CA LYS C 71 11.06 -3.69 9.88
C LYS C 71 11.82 -4.88 9.30
N LEU C 72 11.60 -5.15 8.02
CA LEU C 72 12.30 -6.24 7.36
C LEU C 72 13.79 -5.94 7.23
N LEU C 73 14.13 -4.72 6.84
CA LEU C 73 15.53 -4.41 6.60
C LEU C 73 16.37 -4.39 7.88
N ARG C 74 15.76 -4.05 9.01
CA ARG C 74 16.44 -4.14 10.29
C ARG C 74 17.06 -5.54 10.43
N HIS C 75 16.24 -6.56 10.14
CA HIS C 75 16.69 -7.93 10.25
C HIS C 75 17.63 -8.34 9.12
N HIS C 76 17.29 -7.94 7.89
CA HIS C 76 18.06 -8.37 6.73
C HIS C 76 19.48 -7.80 6.76
N LEU C 77 19.59 -6.56 7.21
CA LEU C 77 20.87 -5.84 7.22
C LEU C 77 21.54 -5.87 8.59
N GLN C 78 20.81 -6.31 9.61
CA GLN C 78 21.30 -6.28 10.99
C GLN C 78 21.74 -4.88 11.39
N ILE C 79 20.81 -3.93 11.29
CA ILE C 79 21.05 -2.55 11.69
C ILE C 79 19.89 -2.20 12.62
N PRO C 80 20.20 -1.64 13.80
CA PRO C 80 19.15 -1.43 14.81
C PRO C 80 18.30 -0.19 14.51
N ILE C 81 17.63 -0.19 13.36
CA ILE C 81 16.83 0.95 12.97
C ILE C 81 15.41 0.79 13.49
N HIS C 82 14.87 1.87 14.04
CA HIS C 82 13.56 1.85 14.68
C HIS C 82 12.79 3.10 14.30
N PHE C 83 11.59 2.89 13.78
CA PHE C 83 10.68 3.98 13.46
C PHE C 83 10.40 4.77 14.73
N PRO C 84 10.44 6.10 14.65
CA PRO C 84 10.27 6.98 15.81
C PRO C 84 8.93 6.76 16.50
N LYS C 85 8.91 6.93 17.82
CA LYS C 85 7.68 6.80 18.59
C LYS C 85 6.69 7.91 18.28
N ASP C 86 7.19 9.13 18.10
CA ASP C 86 6.30 10.23 17.73
C ASP C 86 6.27 10.51 16.23
N PHE C 87 5.44 11.45 15.82
CA PHE C 87 5.20 11.70 14.40
C PHE C 87 6.50 11.91 13.65
N LEU C 88 6.63 11.25 12.50
CA LEU C 88 7.76 11.46 11.59
C LEU C 88 7.85 12.93 11.23
N SER C 89 6.69 13.54 10.94
CA SER C 89 6.63 14.95 10.57
C SER C 89 7.38 15.82 11.56
N VAL C 90 7.42 15.38 12.81
CA VAL C 90 8.07 16.14 13.88
C VAL C 90 9.59 16.16 13.77
N MET C 91 10.18 14.97 13.65
CA MET C 91 11.62 14.86 13.42
C MET C 91 12.01 15.66 12.18
N LEU C 92 11.22 15.52 11.12
CA LEU C 92 11.54 16.17 9.85
C LEU C 92 11.42 17.69 9.96
N GLU C 93 10.39 18.16 10.68
CA GLU C 93 10.23 19.59 10.89
C GLU C 93 11.41 20.19 11.66
N LYS C 94 11.85 19.50 12.70
CA LYS C 94 12.99 19.98 13.47
C LYS C 94 14.23 20.05 12.60
N GLY C 95 14.38 19.09 11.70
CA GLY C 95 15.47 19.08 10.74
C GLY C 95 16.80 18.57 11.29
N SER C 96 17.84 18.67 10.44
CA SER C 96 19.15 18.13 10.78
C SER C 96 20.25 19.13 10.47
N LEU C 97 19.89 20.41 10.38
CA LEU C 97 20.85 21.43 9.94
C LEU C 97 22.11 21.45 10.80
N SER C 98 21.95 21.55 12.12
CA SER C 98 23.12 21.62 12.99
C SER C 98 23.94 20.35 12.89
N ALA C 99 23.26 19.20 12.90
CA ALA C 99 23.93 17.91 12.79
C ALA C 99 24.74 17.79 11.50
N MET C 100 24.18 18.22 10.37
CA MET C 100 24.90 18.07 9.11
C MET C 100 26.02 19.10 8.98
N ARG C 101 25.85 20.25 9.60
CA ARG C 101 26.94 21.22 9.68
C ARG C 101 28.06 20.68 10.57
N PHE C 102 27.68 20.04 11.68
CA PHE C 102 28.69 19.42 12.54
C PHE C 102 29.49 18.36 11.79
N LEU C 103 28.78 17.51 11.05
CA LEU C 103 29.45 16.46 10.30
C LEU C 103 30.34 17.05 9.20
N THR C 104 29.91 18.20 8.66
CA THR C 104 30.72 18.91 7.68
C THR C 104 32.01 19.40 8.34
N ALA C 105 31.89 19.97 9.52
CA ALA C 105 33.06 20.43 10.27
C ALA C 105 33.99 19.26 10.61
N VAL C 106 33.42 18.13 11.00
CA VAL C 106 34.19 16.91 11.23
C VAL C 106 34.94 16.50 9.97
N ASN C 107 34.24 16.54 8.83
CA ASN C 107 34.88 16.18 7.57
C ASN C 107 36.06 17.09 7.25
N LEU C 108 35.92 18.37 7.57
CA LEU C 108 36.95 19.34 7.24
C LEU C 108 38.19 19.20 8.13
N GLU C 109 38.00 18.78 9.37
CA GLU C 109 39.08 18.85 10.36
C GLU C 109 39.54 17.51 10.93
N HIS C 110 38.61 16.57 11.10
CA HIS C 110 38.94 15.24 11.60
C HIS C 110 38.21 14.19 10.77
N PRO C 111 38.52 14.12 9.47
CA PRO C 111 37.80 13.22 8.58
C PRO C 111 37.81 11.76 9.04
N GLU C 112 38.87 11.34 9.72
CA GLU C 112 38.94 9.96 10.21
C GLU C 112 37.83 9.64 11.22
N MET C 113 37.20 10.67 11.77
CA MET C 113 36.11 10.49 12.73
C MET C 113 34.72 10.57 12.10
N LEU C 114 34.66 10.88 10.81
CA LEU C 114 33.35 11.11 10.17
C LEU C 114 32.43 9.90 10.19
N GLU C 115 32.98 8.71 9.92
CA GLU C 115 32.14 7.52 9.88
C GLU C 115 31.45 7.31 11.22
N LYS C 116 32.22 7.28 12.30
CA LYS C 116 31.63 7.04 13.61
C LYS C 116 30.71 8.17 14.08
N ALA C 117 31.07 9.42 13.77
CA ALA C 117 30.21 10.54 14.15
C ALA C 117 28.86 10.43 13.44
N SER C 118 28.91 10.07 12.17
CA SER C 118 27.69 9.90 11.39
C SER C 118 26.84 8.78 11.98
N ARG C 119 27.47 7.65 12.23
CA ARG C 119 26.75 6.50 12.81
C ARG C 119 26.09 6.88 14.14
N GLU C 120 26.81 7.59 14.99
CA GLU C 120 26.24 7.91 16.30
C GLU C 120 25.05 8.85 16.17
N LEU C 121 25.08 9.75 15.18
CA LEU C 121 23.93 10.62 14.99
C LEU C 121 22.72 9.83 14.48
N TRP C 122 22.93 8.87 13.57
CA TRP C 122 21.82 8.02 13.16
C TRP C 122 21.27 7.23 14.35
N MET C 123 22.17 6.75 15.21
CA MET C 123 21.75 6.00 16.39
C MET C 123 20.80 6.83 17.27
N ARG C 124 21.03 8.14 17.34
CA ARG C 124 20.11 9.02 18.07
C ARG C 124 18.76 9.11 17.37
N VAL C 125 18.74 9.58 16.14
CA VAL C 125 17.48 9.89 15.49
C VAL C 125 16.71 8.65 15.02
N TRP C 126 17.44 7.66 14.51
CA TRP C 126 16.80 6.52 13.87
C TRP C 126 16.94 5.19 14.62
N SER C 127 17.52 5.23 15.82
CA SER C 127 17.54 4.04 16.68
C SER C 127 16.87 4.30 18.03
N ARG C 128 17.27 5.37 18.72
CA ARG C 128 16.79 5.61 20.09
C ARG C 128 15.74 6.72 20.18
N ASN C 129 15.37 7.29 19.04
CA ASN C 129 14.42 8.41 19.00
C ASN C 129 14.84 9.57 19.91
N GLU C 130 16.11 9.93 19.84
CA GLU C 130 16.66 11.05 20.60
C GLU C 130 16.84 12.26 19.70
N ASP C 131 16.80 13.44 20.30
CA ASP C 131 16.97 14.69 19.58
C ASP C 131 18.35 14.79 18.93
N ILE C 132 18.41 15.46 17.78
CA ILE C 132 19.70 15.74 17.14
C ILE C 132 19.85 17.23 16.79
N THR C 133 19.01 18.07 17.37
CA THR C 133 19.06 19.50 17.06
C THR C 133 19.76 20.35 18.14
N GLU C 134 19.73 19.88 19.39
CA GLU C 134 20.31 20.65 20.48
C GLU C 134 21.80 20.41 20.59
N PRO C 135 22.57 21.45 20.97
CA PRO C 135 24.01 21.30 21.10
C PRO C 135 24.41 20.11 21.98
N GLN C 136 23.75 19.92 23.13
CA GLN C 136 24.11 18.82 24.01
C GLN C 136 23.92 17.47 23.31
N SER C 137 22.91 17.41 22.44
CA SER C 137 22.64 16.20 21.68
C SER C 137 23.78 15.85 20.73
N ILE C 138 24.22 16.86 19.98
CA ILE C 138 25.34 16.68 19.05
C ILE C 138 26.61 16.28 19.79
N LEU C 139 26.94 16.97 20.87
CA LEU C 139 28.13 16.67 21.65
C LEU C 139 28.10 15.23 22.18
N ALA C 140 26.93 14.77 22.60
CA ALA C 140 26.78 13.42 23.13
C ALA C 140 27.12 12.40 22.06
N ALA C 141 26.62 12.62 20.85
CA ALA C 141 26.94 11.72 19.74
C ALA C 141 28.44 11.76 19.46
N ALA C 142 29.01 12.96 19.44
CA ALA C 142 30.42 13.10 19.10
C ALA C 142 31.31 12.38 20.13
N GLU C 143 30.95 12.47 21.40
CA GLU C 143 31.73 11.80 22.44
C GLU C 143 31.58 10.30 22.35
N LYS C 144 30.36 9.83 22.10
CA LYS C 144 30.10 8.42 21.89
C LYS C 144 30.99 7.91 20.74
N ALA C 145 31.21 8.76 19.75
CA ALA C 145 32.03 8.41 18.59
C ALA C 145 33.52 8.32 18.92
N GLY C 146 33.90 8.77 20.11
CA GLY C 146 35.28 8.69 20.54
C GLY C 146 36.01 10.01 20.53
N MET C 147 35.28 11.09 20.24
CA MET C 147 35.85 12.44 20.25
C MET C 147 35.97 12.94 21.69
N SER C 148 37.03 13.72 21.97
CA SER C 148 37.17 14.32 23.30
C SER C 148 36.18 15.46 23.44
N ALA C 149 35.79 15.77 24.67
CA ALA C 149 34.88 16.88 24.92
C ALA C 149 35.42 18.16 24.28
N GLU C 150 36.73 18.35 24.36
CA GLU C 150 37.39 19.52 23.80
C GLU C 150 37.26 19.55 22.28
N GLN C 151 37.64 18.45 21.64
CA GLN C 151 37.48 18.30 20.20
C GLN C 151 36.04 18.59 19.78
N ALA C 152 35.10 17.88 20.40
CA ALA C 152 33.69 18.01 20.05
C ALA C 152 33.22 19.45 20.19
N GLN C 153 33.49 20.05 21.34
CA GLN C 153 33.13 21.43 21.60
C GLN C 153 33.75 22.35 20.56
N GLY C 154 35.02 22.09 20.24
CA GLY C 154 35.74 22.88 19.26
C GLY C 154 35.02 22.91 17.92
N LEU C 155 34.61 21.73 17.45
CA LEU C 155 33.88 21.62 16.19
C LEU C 155 32.51 22.28 16.26
N LEU C 156 31.79 22.06 17.35
CA LEU C 156 30.46 22.63 17.50
C LEU C 156 30.48 24.15 17.33
N GLU C 157 31.56 24.78 17.78
CA GLU C 157 31.67 26.23 17.71
C GLU C 157 31.90 26.74 16.28
N LYS C 158 32.17 25.83 15.36
CA LYS C 158 32.44 26.20 13.98
C LYS C 158 31.23 25.96 13.08
N ILE C 159 30.18 25.41 13.67
CA ILE C 159 28.97 25.00 12.95
C ILE C 159 28.35 26.09 12.07
N ALA C 160 28.43 27.33 12.50
CA ALA C 160 27.79 28.42 11.77
C ALA C 160 28.78 29.31 11.02
N THR C 161 30.05 28.90 10.97
CA THR C 161 31.03 29.67 10.21
C THR C 161 30.73 29.54 8.72
N PRO C 162 30.98 30.62 7.97
CA PRO C 162 30.76 30.60 6.52
C PRO C 162 31.49 29.43 5.86
N LYS C 163 32.69 29.09 6.31
CA LYS C 163 33.42 27.98 5.73
C LYS C 163 32.60 26.68 5.80
N VAL C 164 32.07 26.38 6.97
CA VAL C 164 31.29 25.16 7.18
C VAL C 164 29.94 25.22 6.46
N LYS C 165 29.24 26.35 6.59
CA LYS C 165 27.95 26.51 5.92
C LYS C 165 28.10 26.34 4.41
N ASN C 166 29.13 26.97 3.85
CA ASN C 166 29.36 26.90 2.41
C ASN C 166 29.78 25.51 1.93
N GLN C 167 30.56 24.81 2.75
CA GLN C 167 30.96 23.44 2.39
C GLN C 167 29.75 22.52 2.31
N LEU C 168 28.84 22.66 3.27
CA LEU C 168 27.61 21.85 3.25
C LEU C 168 26.77 22.17 2.02
N LYS C 169 26.65 23.46 1.70
CA LYS C 169 25.91 23.85 0.51
C LYS C 169 26.57 23.32 -0.76
N GLU C 170 27.89 23.38 -0.83
CA GLU C 170 28.60 22.93 -2.03
C GLU C 170 28.47 21.42 -2.19
N THR C 171 28.51 20.70 -1.09
CA THR C 171 28.36 19.25 -1.16
C THR C 171 26.96 18.89 -1.62
N THR C 172 25.98 19.58 -1.06
CA THR C 172 24.59 19.32 -1.44
C THR C 172 24.41 19.66 -2.92
N GLU C 173 25.00 20.78 -3.34
CA GLU C 173 24.97 21.13 -4.77
C GLU C 173 25.58 20.03 -5.65
N ALA C 174 26.68 19.44 -5.21
CA ALA C 174 27.28 18.34 -5.97
C ALA C 174 26.29 17.18 -6.13
N ALA C 175 25.53 16.87 -5.08
CA ALA C 175 24.50 15.84 -5.20
C ALA C 175 23.47 16.22 -6.27
N CYS C 176 23.01 17.47 -6.23
CA CYS C 176 22.06 17.96 -7.23
C CYS C 176 22.62 17.80 -8.64
N ARG C 177 23.89 18.16 -8.82
CA ARG C 177 24.50 18.07 -10.15
C ARG C 177 24.68 16.64 -10.62
N TYR C 178 24.73 15.69 -9.69
CA TYR C 178 24.73 14.27 -10.04
C TYR C 178 23.31 13.76 -10.29
N GLY C 179 22.31 14.64 -10.16
CA GLY C 179 20.94 14.28 -10.48
C GLY C 179 20.07 13.86 -9.29
N ALA C 180 20.53 14.12 -8.08
CA ALA C 180 19.78 13.71 -6.88
C ALA C 180 18.39 14.34 -6.85
N PHE C 181 17.39 13.54 -6.51
CA PHE C 181 16.04 14.03 -6.22
C PHE C 181 15.67 13.67 -4.79
N GLY C 182 16.62 13.01 -4.13
CA GLY C 182 16.43 12.50 -2.78
C GLY C 182 17.71 11.81 -2.37
N LEU C 183 17.85 11.47 -1.10
CA LEU C 183 19.04 10.79 -0.62
C LEU C 183 18.65 9.43 -0.06
N PRO C 184 19.60 8.49 -0.01
CA PRO C 184 21.01 8.62 -0.38
C PRO C 184 21.22 8.53 -1.88
N ILE C 185 22.31 9.12 -2.37
CA ILE C 185 22.80 8.74 -3.68
C ILE C 185 24.23 8.25 -3.53
N THR C 186 24.57 7.24 -4.31
CA THR C 186 25.92 6.69 -4.35
C THR C 186 26.46 6.93 -5.76
N VAL C 187 27.64 7.53 -5.86
CA VAL C 187 28.19 7.86 -7.17
C VAL C 187 29.50 7.12 -7.36
N ALA C 188 29.55 6.27 -8.38
CA ALA C 188 30.75 5.49 -8.65
C ALA C 188 31.43 6.01 -9.90
N HIS C 189 32.74 6.23 -9.80
CA HIS C 189 33.55 6.63 -10.94
C HIS C 189 34.39 5.42 -11.31
N VAL C 190 34.04 4.79 -12.43
CA VAL C 190 34.65 3.52 -12.79
C VAL C 190 34.57 3.29 -14.29
N ASP C 191 35.66 2.75 -14.86
CA ASP C 191 35.67 2.36 -16.27
C ASP C 191 35.34 3.54 -17.18
N GLY C 192 35.75 4.73 -16.76
CA GLY C 192 35.61 5.93 -17.58
C GLY C 192 34.22 6.53 -17.59
N GLN C 193 33.37 6.09 -16.66
CA GLN C 193 32.03 6.65 -16.59
C GLN C 193 31.68 6.98 -15.15
N THR C 194 30.63 7.75 -14.97
CA THR C 194 30.14 8.14 -13.66
C THR C 194 28.70 7.65 -13.54
N HIS C 195 28.41 6.89 -12.49
CA HIS C 195 27.07 6.32 -12.32
C HIS C 195 26.47 6.73 -10.99
N MET C 196 25.24 7.25 -11.02
CA MET C 196 24.57 7.62 -9.78
C MET C 196 23.47 6.61 -9.50
N LEU C 197 23.47 6.08 -8.28
CA LEU C 197 22.50 5.08 -7.83
C LEU C 197 21.72 5.62 -6.63
N PHE C 198 20.39 5.56 -6.70
CA PHE C 198 19.57 6.10 -5.63
C PHE C 198 19.12 5.00 -4.66
N GLY C 199 19.19 5.31 -3.36
CA GLY C 199 18.63 4.42 -2.35
C GLY C 199 19.63 3.41 -1.83
N SER C 200 19.14 2.44 -1.05
CA SER C 200 20.02 1.48 -0.39
C SER C 200 19.95 0.08 -0.99
N ASP C 201 19.19 -0.07 -2.07
CA ASP C 201 18.88 -1.40 -2.58
C ASP C 201 19.60 -1.75 -3.87
N ARG C 202 20.62 -0.98 -4.21
CA ARG C 202 21.28 -1.12 -5.50
C ARG C 202 22.76 -1.43 -5.32
N MET C 203 23.13 -1.91 -4.14
CA MET C 203 24.55 -2.19 -3.89
C MET C 203 25.07 -3.40 -4.68
N GLU C 204 24.19 -4.35 -5.03
CA GLU C 204 24.63 -5.45 -5.90
C GLU C 204 24.93 -4.92 -7.31
N LEU C 205 24.12 -3.98 -7.77
CA LEU C 205 24.40 -3.36 -9.05
C LEU C 205 25.72 -2.59 -8.99
N LEU C 206 25.93 -1.88 -7.88
CA LEU C 206 27.21 -1.19 -7.66
C LEU C 206 28.36 -2.18 -7.80
N ALA C 207 28.23 -3.33 -7.13
CA ALA C 207 29.27 -4.35 -7.19
C ALA C 207 29.57 -4.72 -8.63
N HIS C 208 28.52 -4.91 -9.41
CA HIS C 208 28.70 -5.31 -10.80
C HIS C 208 29.39 -4.18 -11.59
N LEU C 209 28.96 -2.94 -11.39
CA LEU C 209 29.66 -1.82 -12.03
C LEU C 209 31.16 -1.83 -11.71
N LEU C 210 31.50 -2.14 -10.46
CA LEU C 210 32.90 -2.16 -10.02
C LEU C 210 33.64 -3.45 -10.37
N GLY C 211 32.93 -4.45 -10.86
CA GLY C 211 33.56 -5.73 -11.13
C GLY C 211 34.03 -6.40 -9.85
N GLU C 212 33.29 -6.16 -8.77
CA GLU C 212 33.58 -6.74 -7.46
C GLU C 212 32.54 -7.77 -7.08
N LYS C 213 32.91 -8.63 -6.13
CA LYS C 213 32.04 -9.73 -5.73
C LYS C 213 31.03 -9.25 -4.71
N TRP C 214 29.75 -9.45 -5.01
CA TRP C 214 28.69 -9.15 -4.07
C TRP C 214 28.49 -10.36 -3.16
N MET C 215 28.58 -10.14 -1.86
CA MET C 215 28.42 -11.21 -0.88
C MET C 215 27.27 -10.90 0.08
N GLY C 216 26.33 -10.10 -0.41
CA GLY C 216 25.18 -9.74 0.39
C GLY C 216 25.45 -8.54 1.27
N PRO C 217 24.42 -8.10 2.01
CA PRO C 217 24.56 -6.86 2.78
C PRO C 217 25.43 -7.03 4.03
N ILE C 218 25.76 -8.28 4.39
CA ILE C 218 26.64 -8.53 5.52
C ILE C 218 27.80 -9.44 5.11
N PRO C 219 28.79 -8.88 4.38
CA PRO C 219 29.88 -9.73 3.90
C PRO C 219 30.69 -10.31 5.04
N PRO C 220 31.23 -11.52 4.83
CA PRO C 220 32.02 -12.22 5.85
C PRO C 220 33.35 -11.52 6.13
N ALA C 221 33.88 -11.70 7.32
CA ALA C 221 35.16 -11.13 7.70
C ALA C 221 36.29 -11.76 6.89
#